data_4UTT
#
_entry.id   4UTT
#
_cell.length_a   36.989
_cell.length_b   75.501
_cell.length_c   82.234
_cell.angle_alpha   90.22
_cell.angle_beta   90.01
_cell.angle_gamma   92.83
#
_symmetry.space_group_name_H-M   'P 1'
#
loop_
_entity.id
_entity.type
_entity.pdbx_description
1 polymer 'PUTATIVE N-ACETYLMANNOSAMINE-6-PHOSPHATE 2-EPIMERASE'
2 polymer 'PUTATIVE N-ACETYLMANNOSAMINE-6-PHOSPHATE 2-EPIMERASE'
3 non-polymer 'CHLORIDE ION'
4 non-polymer 'ACETATE ION'
5 water water
#
loop_
_entity_poly.entity_id
_entity_poly.type
_entity_poly.pdbx_seq_one_letter_code
_entity_poly.pdbx_strand_id
1 'polypeptide(L)'
;GSHHHHHHHMLDVVKGNLIVSCQALSDEPLHSSFIMGRMAIAAKQGGAAAIRAQGVNDINEIKEVTKLPIIGIIKRNYDD
SEIYITPTMKEVDELLKTDCEMIALDATKRKRPNGENVKDLVDAIHAKGRLAMADISTLEEGIEAEKLGFDCVSTTLSGY
TPYSKQSNSVDFELLEELVKTVKIPVICEGRINTPEELKKALDLGAYSAVVGGAITRPQQITKRFTDIL
;
A,B
2 'polypeptide(L)'
;GSSHHHHHHMLDVVKGNLIVSCQALSDEPLHSSFIMGRMAIAAKQGGAAAIRAQGVNDINEIKEVTKLPIIGIIKRNYDD
SEIYITPTMKEVDELLKTDCEMIALDATKRKRPNGENVKDLVDAIHAKGRLAMADISTLEEGIEAEKLGFDCVSTTLSGY
TPYSKQSNSVDFELLEELVKTVKIPVICEGRINTPEELKKALDLGAYSAVVGGAITRPQQITKRFTDIL
;
C,D
#
# COMPACT_ATOMS: atom_id res chain seq x y z
N GLY A 1 7.04 29.04 5.34
CA GLY A 1 6.41 28.68 4.04
C GLY A 1 4.90 28.89 4.11
N SER A 2 4.29 29.09 2.94
CA SER A 2 2.84 29.11 2.83
C SER A 2 2.39 28.42 1.55
N HIS A 3 1.12 28.04 1.51
CA HIS A 3 0.51 27.54 0.27
C HIS A 3 -0.98 27.85 0.25
N HIS A 4 -1.60 27.58 -0.90
CA HIS A 4 -3.02 27.89 -1.02
C HIS A 4 -3.80 26.80 -0.25
N HIS A 5 -5.02 27.12 0.10
CA HIS A 5 -5.81 26.30 1.01
C HIS A 5 -6.77 25.51 0.12
N HIS A 6 -6.99 24.27 0.51
CA HIS A 6 -7.94 23.36 -0.16
C HIS A 6 -9.24 23.28 0.68
N HIS A 7 -10.37 23.10 0.01
CA HIS A 7 -11.64 22.92 0.72
C HIS A 7 -11.70 21.54 1.35
N HIS A 8 -11.24 20.50 0.64
CA HIS A 8 -11.31 19.09 1.09
C HIS A 8 -10.00 18.75 1.75
N HIS A 9 -10.08 18.03 2.87
CA HIS A 9 -8.90 17.52 3.56
C HIS A 9 -9.08 16.04 3.78
N MET A 10 -7.98 15.29 3.65
CA MET A 10 -8.05 13.88 3.59
C MET A 10 -8.79 13.19 4.74
N LEU A 11 -8.48 13.55 5.98
CA LEU A 11 -9.15 12.85 7.08
C LEU A 11 -10.66 13.12 7.08
N ASP A 12 -11.08 14.35 6.79
CA ASP A 12 -12.51 14.67 6.69
CA ASP A 12 -12.49 14.63 6.71
C ASP A 12 -13.13 13.87 5.55
N VAL A 13 -12.42 13.76 4.44
CA VAL A 13 -12.95 13.08 3.24
C VAL A 13 -13.19 11.56 3.44
N VAL A 14 -12.31 10.92 4.21
CA VAL A 14 -12.40 9.48 4.45
C VAL A 14 -13.34 9.15 5.63
N LYS A 15 -13.68 10.14 6.45
CA LYS A 15 -14.51 9.87 7.62
C LYS A 15 -15.82 9.20 7.25
N GLY A 16 -16.09 8.03 7.85
CA GLY A 16 -17.33 7.30 7.58
C GLY A 16 -17.39 6.58 6.24
N ASN A 17 -16.31 6.69 5.45
CA ASN A 17 -16.24 6.16 4.10
C ASN A 17 -15.15 5.09 3.96
N LEU A 18 -15.12 4.50 2.76
CA LEU A 18 -14.21 3.44 2.47
C LEU A 18 -12.92 3.90 1.76
N ILE A 19 -11.80 3.39 2.25
CA ILE A 19 -10.49 3.48 1.60
C ILE A 19 -10.19 2.14 0.95
N VAL A 20 -9.72 2.12 -0.29
CA VAL A 20 -9.42 0.86 -0.96
C VAL A 20 -7.94 0.75 -1.19
N SER A 21 -7.37 -0.33 -0.70
CA SER A 21 -5.95 -0.65 -0.94
C SER A 21 -5.79 -1.38 -2.27
N CYS A 22 -4.98 -0.78 -3.14
CA CYS A 22 -4.69 -1.31 -4.48
C CYS A 22 -3.22 -1.66 -4.52
N GLN A 23 -2.90 -2.87 -4.11
CA GLN A 23 -1.54 -3.38 -4.05
C GLN A 23 -1.36 -4.70 -4.79
N ALA A 24 -0.20 -4.84 -5.43
CA ALA A 24 0.15 -6.08 -6.08
C ALA A 24 1.66 -6.15 -6.09
N LEU A 25 2.22 -6.99 -5.25
CA LEU A 25 3.68 -7.06 -5.14
C LEU A 25 4.26 -7.96 -6.24
N SER A 26 5.59 -8.08 -6.30
CA SER A 26 6.20 -8.71 -7.50
C SER A 26 5.83 -10.18 -7.76
N ASP A 27 5.38 -10.88 -6.73
CA ASP A 27 4.97 -12.26 -6.85
C ASP A 27 3.47 -12.43 -7.05
N GLU A 28 2.76 -11.34 -7.34
CA GLU A 28 1.31 -11.35 -7.54
C GLU A 28 0.94 -11.10 -9.00
N PRO A 29 -0.18 -11.66 -9.46
CA PRO A 29 -0.43 -11.62 -10.91
C PRO A 29 -0.74 -10.20 -11.48
N LEU A 30 -1.22 -9.30 -10.65
CA LEU A 30 -1.53 -7.93 -11.13
C LEU A 30 -0.41 -6.90 -10.91
N HIS A 31 0.81 -7.35 -10.65
CA HIS A 31 1.95 -6.47 -10.43
C HIS A 31 2.21 -5.62 -11.65
N SER A 32 1.90 -4.34 -11.52
CA SER A 32 1.89 -3.40 -12.63
C SER A 32 1.26 -2.10 -12.18
N SER A 33 1.95 -0.99 -12.35
N SER A 33 1.94 -0.97 -12.34
CA SER A 33 1.34 0.31 -12.05
CA SER A 33 1.30 0.32 -12.02
C SER A 33 0.11 0.56 -12.93
C SER A 33 0.10 0.57 -12.93
N PHE A 34 0.16 0.12 -14.18
CA PHE A 34 -0.96 0.26 -15.10
C PHE A 34 -2.18 -0.41 -14.52
N ILE A 35 -2.00 -1.62 -14.00
CA ILE A 35 -3.15 -2.34 -13.49
C ILE A 35 -3.64 -1.75 -12.19
N MET A 36 -2.74 -1.30 -11.31
CA MET A 36 -3.18 -0.71 -10.05
C MET A 36 -3.93 0.61 -10.30
N GLY A 37 -3.52 1.36 -11.32
CA GLY A 37 -4.22 2.56 -11.73
C GLY A 37 -5.66 2.27 -12.11
N ARG A 38 -5.86 1.20 -12.90
CA ARG A 38 -7.20 0.78 -13.29
C ARG A 38 -8.02 0.26 -12.14
N MET A 39 -7.40 -0.48 -11.23
CA MET A 39 -8.08 -0.91 -9.99
C MET A 39 -8.56 0.30 -9.19
N ALA A 40 -7.74 1.35 -9.14
CA ALA A 40 -8.09 2.52 -8.36
C ALA A 40 -9.26 3.29 -9.02
N ILE A 41 -9.27 3.36 -10.36
CA ILE A 41 -10.39 3.95 -11.10
C ILE A 41 -11.68 3.16 -10.77
N ALA A 42 -11.57 1.85 -10.77
CA ALA A 42 -12.72 0.98 -10.42
C ALA A 42 -13.21 1.30 -8.99
N ALA A 43 -12.28 1.39 -8.07
CA ALA A 43 -12.57 1.70 -6.68
C ALA A 43 -13.27 3.07 -6.57
N LYS A 44 -12.66 4.07 -7.20
CA LYS A 44 -13.27 5.41 -7.25
C LYS A 44 -14.71 5.33 -7.77
N GLN A 45 -14.90 4.63 -8.87
CA GLN A 45 -16.23 4.56 -9.51
C GLN A 45 -17.27 3.80 -8.64
N GLY A 46 -16.75 2.95 -7.75
CA GLY A 46 -17.58 2.16 -6.84
C GLY A 46 -17.82 2.91 -5.55
N GLY A 47 -17.25 4.11 -5.41
CA GLY A 47 -17.49 4.98 -4.22
C GLY A 47 -16.37 5.14 -3.21
N ALA A 48 -15.19 4.60 -3.47
CA ALA A 48 -14.02 4.76 -2.55
C ALA A 48 -13.65 6.22 -2.40
N ALA A 49 -13.37 6.63 -1.16
CA ALA A 49 -13.00 8.01 -0.85
C ALA A 49 -11.52 8.28 -1.00
N ALA A 50 -10.71 7.23 -0.88
CA ALA A 50 -9.25 7.32 -0.96
C ALA A 50 -8.65 5.98 -1.32
N ILE A 51 -7.37 6.00 -1.68
CA ILE A 51 -6.61 4.81 -2.06
C ILE A 51 -5.38 4.64 -1.18
N ARG A 52 -5.10 3.41 -0.78
CA ARG A 52 -3.82 3.06 -0.18
C ARG A 52 -3.03 2.27 -1.24
N ALA A 53 -1.79 2.68 -1.49
CA ALA A 53 -0.97 2.11 -2.58
C ALA A 53 0.49 2.00 -2.14
N GLN A 54 1.20 1.10 -2.80
CA GLN A 54 2.57 0.81 -2.45
C GLN A 54 3.48 1.05 -3.63
N GLY A 55 4.62 1.68 -3.34
CA GLY A 55 5.59 2.02 -4.36
C GLY A 55 5.30 3.33 -5.09
N VAL A 56 6.40 4.03 -5.38
CA VAL A 56 6.36 5.31 -6.08
C VAL A 56 5.63 5.19 -7.43
N ASN A 57 5.97 4.17 -8.23
CA ASN A 57 5.38 4.06 -9.56
C ASN A 57 3.84 3.88 -9.49
N ASP A 58 3.35 3.03 -8.58
CA ASP A 58 1.91 2.81 -8.45
C ASP A 58 1.21 4.07 -7.93
N ILE A 59 1.83 4.71 -6.91
CA ILE A 59 1.28 5.96 -6.31
C ILE A 59 1.12 7.05 -7.40
N ASN A 60 2.16 7.25 -8.19
CA ASN A 60 2.12 8.28 -9.22
C ASN A 60 1.06 7.96 -10.28
N GLU A 61 0.97 6.71 -10.72
CA GLU A 61 -0.03 6.31 -11.69
C GLU A 61 -1.45 6.51 -11.14
N ILE A 62 -1.69 6.04 -9.92
CA ILE A 62 -3.01 6.16 -9.29
C ILE A 62 -3.38 7.63 -9.12
N LYS A 63 -2.43 8.46 -8.70
CA LYS A 63 -2.75 9.88 -8.56
C LYS A 63 -3.16 10.51 -9.89
N GLU A 64 -2.39 10.21 -10.94
CA GLU A 64 -2.66 10.73 -12.29
C GLU A 64 -4.03 10.32 -12.79
N VAL A 65 -4.39 9.05 -12.63
CA VAL A 65 -5.60 8.56 -13.25
C VAL A 65 -6.86 8.65 -12.39
N THR A 66 -6.71 8.99 -11.11
CA THR A 66 -7.89 9.11 -10.23
C THR A 66 -8.03 10.44 -9.51
N LYS A 67 -6.91 11.11 -9.24
CA LYS A 67 -6.93 12.34 -8.40
C LYS A 67 -7.52 12.12 -7.00
N LEU A 68 -7.53 10.87 -6.51
CA LEU A 68 -8.01 10.62 -5.14
C LEU A 68 -6.89 10.86 -4.15
N PRO A 69 -7.26 11.20 -2.92
CA PRO A 69 -6.26 11.17 -1.86
C PRO A 69 -5.64 9.78 -1.71
N ILE A 70 -4.33 9.74 -1.46
CA ILE A 70 -3.54 8.53 -1.34
C ILE A 70 -2.81 8.37 0.00
N ILE A 71 -2.90 7.17 0.57
CA ILE A 71 -2.03 6.76 1.65
C ILE A 71 -0.94 5.98 0.99
N GLY A 72 0.27 6.52 0.99
CA GLY A 72 1.39 5.87 0.34
C GLY A 72 2.25 5.16 1.33
N ILE A 73 2.72 4.00 0.91
CA ILE A 73 3.76 3.23 1.58
C ILE A 73 4.78 2.67 0.58
N ILE A 74 5.95 2.26 1.09
CA ILE A 74 6.89 1.42 0.37
C ILE A 74 7.19 0.23 1.26
N LYS A 75 6.98 -0.98 0.74
CA LYS A 75 7.31 -2.21 1.42
C LYS A 75 8.68 -2.66 0.94
N ARG A 76 9.59 -2.82 1.90
CA ARG A 76 10.97 -3.20 1.59
C ARG A 76 11.57 -3.99 2.76
N ASN A 77 12.17 -5.13 2.44
CA ASN A 77 12.83 -5.97 3.43
C ASN A 77 14.23 -5.45 3.67
N TYR A 78 14.62 -5.42 4.94
CA TYR A 78 15.99 -5.12 5.33
C TYR A 78 16.53 -6.34 6.10
N ASP A 79 17.82 -6.61 5.96
CA ASP A 79 18.40 -7.80 6.59
C ASP A 79 18.43 -7.70 8.11
N ASP A 80 18.33 -6.49 8.66
CA ASP A 80 18.51 -6.27 10.08
C ASP A 80 17.23 -5.82 10.82
N SER A 81 16.09 -6.14 10.25
CA SER A 81 14.83 -5.77 10.87
C SER A 81 13.69 -6.62 10.35
N GLU A 82 12.68 -6.81 11.18
CA GLU A 82 11.47 -7.51 10.79
C GLU A 82 10.45 -6.57 10.16
N ILE A 83 10.68 -5.27 10.29
CA ILE A 83 9.78 -4.25 9.80
C ILE A 83 9.96 -4.10 8.27
N TYR A 84 8.85 -4.02 7.55
CA TYR A 84 8.90 -3.87 6.08
C TYR A 84 8.01 -2.74 5.54
N ILE A 85 7.00 -2.28 6.29
CA ILE A 85 6.16 -1.17 5.84
C ILE A 85 6.85 0.19 6.18
N THR A 86 7.45 0.79 5.15
CA THR A 86 8.13 2.12 5.19
C THR A 86 9.12 2.13 6.36
N PRO A 87 10.13 1.27 6.29
CA PRO A 87 10.97 1.04 7.44
C PRO A 87 11.94 2.15 7.82
N THR A 88 12.43 2.91 6.84
CA THR A 88 13.50 3.91 7.09
C THR A 88 13.22 5.27 6.38
N MET A 89 14.05 6.24 6.71
CA MET A 89 13.99 7.57 6.09
C MET A 89 14.18 7.49 4.58
N LYS A 90 14.93 6.50 4.09
CA LYS A 90 15.07 6.34 2.64
C LYS A 90 13.69 6.18 1.96
N GLU A 91 12.81 5.32 2.51
CA GLU A 91 11.50 5.13 1.94
C GLU A 91 10.64 6.38 2.15
N VAL A 92 10.73 7.01 3.31
CA VAL A 92 10.01 8.26 3.55
C VAL A 92 10.36 9.31 2.48
N ASP A 93 11.66 9.50 2.24
CA ASP A 93 12.07 10.51 1.27
C ASP A 93 11.61 10.11 -0.16
N GLU A 94 11.66 8.84 -0.50
CA GLU A 94 11.14 8.38 -1.81
C GLU A 94 9.68 8.73 -1.94
N LEU A 95 8.88 8.49 -0.88
CA LEU A 95 7.45 8.81 -0.85
C LEU A 95 7.17 10.31 -0.91
N LEU A 96 8.01 11.11 -0.28
CA LEU A 96 7.84 12.56 -0.30
C LEU A 96 8.07 13.18 -1.70
N LYS A 97 8.66 12.43 -2.63
CA LYS A 97 8.79 12.84 -4.02
C LYS A 97 7.48 12.64 -4.79
N THR A 98 6.54 11.92 -4.21
CA THR A 98 5.23 11.74 -4.80
C THR A 98 4.29 12.79 -4.21
N ASP A 99 3.06 12.86 -4.72
CA ASP A 99 2.06 13.76 -4.11
C ASP A 99 1.14 13.10 -3.08
N CYS A 100 1.48 11.92 -2.57
CA CYS A 100 0.55 11.28 -1.63
C CYS A 100 0.43 12.15 -0.40
N GLU A 101 -0.80 12.35 0.04
CA GLU A 101 -1.12 13.25 1.12
C GLU A 101 -0.83 12.66 2.50
N MET A 102 -0.83 11.34 2.60
CA MET A 102 -0.56 10.63 3.85
C MET A 102 0.44 9.54 3.55
N ILE A 103 1.34 9.34 4.50
CA ILE A 103 2.33 8.25 4.45
C ILE A 103 2.08 7.37 5.65
N ALA A 104 1.89 6.08 5.40
CA ALA A 104 1.76 5.08 6.48
C ALA A 104 3.11 4.39 6.71
N LEU A 105 3.37 4.10 7.98
CA LEU A 105 4.52 3.30 8.32
C LEU A 105 4.20 2.35 9.45
N ASP A 106 4.93 1.24 9.47
CA ASP A 106 4.98 0.36 10.62
C ASP A 106 5.38 1.21 11.86
N ALA A 107 4.55 1.15 12.90
CA ALA A 107 4.81 1.81 14.18
C ALA A 107 4.72 0.77 15.25
N THR A 108 5.24 -0.42 14.96
CA THR A 108 5.40 -1.44 15.97
C THR A 108 6.59 -1.11 16.91
N LYS A 109 6.63 -1.82 18.03
CA LYS A 109 7.67 -1.67 19.03
C LYS A 109 9.07 -2.13 18.56
N ARG A 110 9.15 -2.64 17.35
CA ARG A 110 10.31 -3.37 16.90
C ARG A 110 11.44 -2.45 16.43
N LYS A 111 12.66 -2.99 16.44
CA LYS A 111 13.86 -2.27 16.03
C LYS A 111 13.77 -2.04 14.52
N ARG A 112 14.07 -0.81 14.10
CA ARG A 112 14.08 -0.46 12.66
C ARG A 112 15.45 -0.68 12.03
N PRO A 113 15.50 -0.74 10.69
CA PRO A 113 16.81 -0.87 10.07
C PRO A 113 17.72 0.33 10.40
N ASN A 114 19.02 0.08 10.50
CA ASN A 114 20.04 1.08 10.81
C ASN A 114 19.82 1.68 12.19
N GLY A 115 19.02 1.04 13.03
CA GLY A 115 18.73 1.60 14.34
C GLY A 115 17.93 2.90 14.29
N GLU A 116 17.24 3.17 13.19
CA GLU A 116 16.45 4.41 13.06
C GLU A 116 15.23 4.44 14.00
N ASN A 117 14.78 5.67 14.29
CA ASN A 117 13.70 5.93 15.24
C ASN A 117 12.48 6.44 14.47
N VAL A 118 11.33 5.85 14.78
CA VAL A 118 10.11 6.21 14.10
C VAL A 118 9.71 7.67 14.30
N LYS A 119 10.08 8.28 15.41
CA LYS A 119 9.79 9.73 15.60
C LYS A 119 10.43 10.60 14.50
N ASP A 120 11.64 10.23 14.09
CA ASP A 120 12.34 10.98 13.04
C ASP A 120 11.63 10.88 11.69
N LEU A 121 11.06 9.71 11.44
CA LEU A 121 10.25 9.52 10.24
C LEU A 121 8.99 10.37 10.28
N VAL A 122 8.27 10.31 11.40
CA VAL A 122 7.04 11.13 11.57
C VAL A 122 7.35 12.64 11.44
N ASP A 123 8.42 13.07 12.05
CA ASP A 123 8.84 14.48 11.93
C ASP A 123 9.18 14.90 10.49
N ALA A 124 9.86 14.05 9.74
CA ALA A 124 10.20 14.33 8.34
C ALA A 124 8.93 14.47 7.51
N ILE A 125 7.96 13.58 7.77
CA ILE A 125 6.69 13.60 7.06
C ILE A 125 5.97 14.93 7.37
N HIS A 126 5.93 15.32 8.63
CA HIS A 126 5.28 16.54 9.02
C HIS A 126 6.03 17.76 8.50
N ALA A 127 7.37 17.68 8.37
CA ALA A 127 8.17 18.82 7.87
C ALA A 127 7.80 19.27 6.47
N LYS A 128 7.25 18.35 5.67
CA LYS A 128 6.77 18.63 4.31
C LYS A 128 5.25 18.79 4.27
N GLY A 129 4.63 18.87 5.45
CA GLY A 129 3.20 19.13 5.56
C GLY A 129 2.29 17.98 5.14
N ARG A 130 2.78 16.75 5.28
CA ARG A 130 1.97 15.57 5.01
C ARG A 130 1.48 14.96 6.31
N LEU A 131 0.53 14.05 6.18
CA LEU A 131 -0.01 13.34 7.34
C LEU A 131 0.73 12.01 7.51
N ALA A 132 0.79 11.54 8.77
CA ALA A 132 1.41 10.25 9.08
C ALA A 132 0.42 9.29 9.70
N MET A 133 0.36 8.08 9.16
CA MET A 133 -0.46 7.00 9.67
C MET A 133 0.41 5.93 10.29
N ALA A 134 0.05 5.51 11.50
CA ALA A 134 0.77 4.47 12.22
C ALA A 134 0.10 3.13 11.97
N ASP A 135 0.77 2.21 11.25
CA ASP A 135 0.29 0.83 11.15
C ASP A 135 0.76 0.08 12.39
N ILE A 136 -0.20 -0.40 13.20
CA ILE A 136 0.09 -1.04 14.49
C ILE A 136 -0.51 -2.42 14.56
N SER A 137 -0.08 -3.17 15.56
CA SER A 137 -0.53 -4.56 15.77
C SER A 137 -1.15 -4.81 17.14
N THR A 138 -0.89 -3.93 18.10
CA THR A 138 -1.43 -4.04 19.46
C THR A 138 -1.96 -2.70 19.98
N LEU A 139 -2.73 -2.78 21.04
CA LEU A 139 -3.30 -1.59 21.70
C LEU A 139 -2.20 -0.66 22.17
N GLU A 140 -1.22 -1.21 22.88
CA GLU A 140 -0.13 -0.41 23.36
C GLU A 140 0.62 0.31 22.24
N GLU A 141 0.83 -0.35 21.10
CA GLU A 141 1.43 0.31 19.93
C GLU A 141 0.61 1.51 19.42
N GLY A 142 -0.71 1.39 19.45
CA GLY A 142 -1.57 2.53 19.11
C GLY A 142 -1.42 3.70 20.08
N ILE A 143 -1.31 3.41 21.38
CA ILE A 143 -1.14 4.45 22.39
C ILE A 143 0.14 5.22 22.14
N GLU A 144 1.22 4.47 21.94
CA GLU A 144 2.50 5.07 21.73
C GLU A 144 2.49 5.87 20.44
N ALA A 145 1.81 5.36 19.39
CA ALA A 145 1.69 6.10 18.13
C ALA A 145 1.05 7.50 18.32
N GLU A 146 0.00 7.59 19.11
CA GLU A 146 -0.60 8.89 19.43
C GLU A 146 0.43 9.80 20.12
N LYS A 147 1.12 9.27 21.11
CA LYS A 147 2.14 10.00 21.85
C LYS A 147 3.26 10.51 20.92
N LEU A 148 3.56 9.74 19.87
CA LEU A 148 4.59 10.10 18.90
C LEU A 148 4.16 11.20 17.92
N GLY A 149 2.88 11.57 17.91
CA GLY A 149 2.40 12.60 17.00
C GLY A 149 1.79 12.13 15.68
N PHE A 150 1.56 10.84 15.52
CA PHE A 150 0.88 10.37 14.32
C PHE A 150 -0.51 11.03 14.19
N ASP A 151 -0.90 11.29 12.95
CA ASP A 151 -2.22 11.88 12.70
C ASP A 151 -3.36 10.89 12.84
N CYS A 152 -3.07 9.61 12.67
CA CYS A 152 -4.08 8.57 12.81
C CYS A 152 -3.38 7.24 12.94
N VAL A 153 -4.14 6.23 13.35
CA VAL A 153 -3.58 4.90 13.54
CA VAL A 153 -3.61 4.89 13.58
C VAL A 153 -4.46 3.89 12.80
N SER A 154 -3.83 2.83 12.34
CA SER A 154 -4.51 1.79 11.57
CA SER A 154 -4.56 1.78 11.61
C SER A 154 -4.17 0.43 12.16
N THR A 155 -5.12 -0.52 12.11
CA THR A 155 -4.91 -1.85 12.69
C THR A 155 -4.25 -2.84 11.74
N THR A 156 -3.68 -2.31 10.66
CA THR A 156 -3.04 -3.05 9.55
C THR A 156 -2.23 -4.27 9.93
N LEU A 157 -1.40 -4.12 10.96
CA LEU A 157 -0.42 -5.17 11.28
C LEU A 157 -0.93 -6.18 12.34
N SER A 158 -2.15 -6.00 12.86
CA SER A 158 -2.67 -6.97 13.81
C SER A 158 -2.81 -8.33 13.13
N GLY A 159 -2.14 -9.32 13.67
CA GLY A 159 -2.11 -10.64 13.08
C GLY A 159 -0.91 -10.88 12.21
N TYR A 160 -0.11 -9.83 11.99
CA TYR A 160 1.10 -9.90 11.14
C TYR A 160 2.39 -9.59 11.92
N THR A 161 2.28 -9.64 13.25
CA THR A 161 3.43 -9.66 14.14
C THR A 161 3.26 -10.86 15.07
N PRO A 162 4.38 -11.42 15.56
CA PRO A 162 4.24 -12.73 16.24
C PRO A 162 3.53 -12.62 17.61
N TYR A 163 3.56 -11.44 18.20
CA TYR A 163 3.06 -11.20 19.57
C TYR A 163 1.65 -10.58 19.56
N SER A 164 1.10 -10.34 18.38
CA SER A 164 -0.28 -9.80 18.25
C SER A 164 -1.25 -10.96 18.07
N LYS A 165 -2.55 -10.67 18.07
CA LYS A 165 -3.60 -11.70 17.99
C LYS A 165 -3.49 -12.40 16.64
N GLN A 166 -3.40 -13.72 16.67
CA GLN A 166 -3.33 -14.49 15.43
C GLN A 166 -4.79 -14.87 15.05
N SER A 167 -5.19 -14.45 13.86
CA SER A 167 -6.55 -14.63 13.41
C SER A 167 -6.65 -14.58 11.90
N ASN A 168 -7.66 -15.24 11.37
CA ASN A 168 -7.96 -15.19 9.95
CA ASN A 168 -7.94 -15.16 9.94
C ASN A 168 -9.12 -14.22 9.70
N SER A 169 -9.57 -13.53 10.74
CA SER A 169 -10.68 -12.59 10.57
C SER A 169 -10.38 -11.21 11.16
N VAL A 170 -11.25 -10.25 10.89
CA VAL A 170 -11.01 -8.88 11.34
C VAL A 170 -10.77 -8.85 12.86
N ASP A 171 -9.77 -8.08 13.27
CA ASP A 171 -9.55 -7.83 14.69
C ASP A 171 -10.43 -6.70 15.22
N PHE A 172 -11.66 -7.04 15.54
CA PHE A 172 -12.61 -6.04 16.03
C PHE A 172 -12.31 -5.62 17.47
N GLU A 173 -11.74 -6.52 18.26
CA GLU A 173 -11.46 -6.18 19.67
C GLU A 173 -10.44 -5.06 19.74
N LEU A 174 -9.39 -5.15 18.94
CA LEU A 174 -8.33 -4.10 18.91
C LEU A 174 -8.93 -2.77 18.48
N LEU A 175 -9.77 -2.83 17.46
CA LEU A 175 -10.54 -1.65 17.06
C LEU A 175 -11.31 -1.00 18.21
N GLU A 176 -12.12 -1.78 18.91
CA GLU A 176 -12.93 -1.24 19.97
C GLU A 176 -12.09 -0.66 21.08
N GLU A 177 -11.03 -1.38 21.45
CA GLU A 177 -10.15 -0.94 22.50
C GLU A 177 -9.41 0.35 22.14
N LEU A 178 -8.99 0.51 20.89
CA LEU A 178 -8.33 1.74 20.44
C LEU A 178 -9.29 2.91 20.49
N VAL A 179 -10.52 2.65 20.07
CA VAL A 179 -11.58 3.64 20.15
C VAL A 179 -11.88 4.02 21.62
N LYS A 180 -11.80 3.10 22.59
CA LYS A 180 -11.95 3.48 24.02
C LYS A 180 -10.85 4.45 24.48
N THR A 181 -9.70 4.46 23.80
CA THR A 181 -8.43 4.84 24.41
C THR A 181 -7.64 5.99 23.75
N VAL A 182 -7.65 6.09 22.43
CA VAL A 182 -6.88 7.16 21.78
C VAL A 182 -7.87 8.17 21.21
N LYS A 183 -7.40 9.40 21.02
CA LYS A 183 -8.26 10.48 20.56
C LYS A 183 -8.17 10.64 19.03
N ILE A 184 -7.05 10.21 18.45
CA ILE A 184 -6.80 10.43 17.04
C ILE A 184 -7.62 9.37 16.28
N PRO A 185 -7.93 9.64 15.01
CA PRO A 185 -8.68 8.69 14.20
C PRO A 185 -8.09 7.29 14.18
N VAL A 186 -8.95 6.31 14.38
CA VAL A 186 -8.60 4.90 14.31
C VAL A 186 -9.24 4.28 13.07
N ILE A 187 -8.37 3.79 12.18
CA ILE A 187 -8.77 3.20 10.91
C ILE A 187 -8.63 1.69 11.00
N CYS A 188 -9.68 0.97 10.62
CA CYS A 188 -9.70 -0.47 10.67
C CYS A 188 -9.19 -0.99 9.36
N GLU A 189 -8.11 -1.76 9.42
CA GLU A 189 -7.53 -2.37 8.23
C GLU A 189 -7.02 -3.74 8.61
N GLY A 190 -7.40 -4.74 7.82
CA GLY A 190 -6.93 -6.11 8.01
C GLY A 190 -8.07 -7.13 7.96
N ARG A 191 -8.10 -7.86 6.85
CA ARG A 191 -8.96 -9.02 6.64
C ARG A 191 -10.43 -8.72 6.57
N ILE A 192 -10.78 -7.49 6.17
CA ILE A 192 -12.18 -7.14 5.93
C ILE A 192 -12.54 -7.79 4.61
N ASN A 193 -13.39 -8.81 4.68
CA ASN A 193 -13.84 -9.54 3.47
C ASN A 193 -15.26 -9.26 2.98
N THR A 194 -16.14 -8.81 3.87
CA THR A 194 -17.57 -8.68 3.57
C THR A 194 -18.08 -7.28 3.91
N PRO A 195 -19.14 -6.85 3.21
CA PRO A 195 -19.74 -5.57 3.57
C PRO A 195 -20.24 -5.56 5.01
N GLU A 196 -20.70 -6.71 5.50
CA GLU A 196 -21.18 -6.81 6.88
C GLU A 196 -20.05 -6.51 7.87
N GLU A 197 -18.84 -6.99 7.58
CA GLU A 197 -17.65 -6.74 8.43
C GLU A 197 -17.27 -5.27 8.38
N LEU A 198 -17.35 -4.67 7.19
CA LEU A 198 -17.09 -3.24 7.07
C LEU A 198 -18.06 -2.42 7.91
N LYS A 199 -19.36 -2.71 7.78
CA LYS A 199 -20.36 -1.96 8.52
C LYS A 199 -20.13 -2.15 10.01
N LYS A 200 -19.82 -3.39 10.41
CA LYS A 200 -19.52 -3.65 11.84
C LYS A 200 -18.33 -2.81 12.35
N ALA A 201 -17.26 -2.68 11.55
CA ALA A 201 -16.09 -1.91 11.94
C ALA A 201 -16.47 -0.42 12.17
N LEU A 202 -17.24 0.13 11.24
CA LEU A 202 -17.75 1.50 11.42
C LEU A 202 -18.70 1.62 12.60
N ASP A 203 -19.59 0.66 12.79
CA ASP A 203 -20.52 0.69 13.90
C ASP A 203 -19.79 0.63 15.23
N LEU A 204 -18.61 0.02 15.23
CA LEU A 204 -17.80 -0.08 16.44
C LEU A 204 -16.93 1.16 16.65
N GLY A 205 -17.06 2.16 15.77
CA GLY A 205 -16.41 3.45 15.96
C GLY A 205 -15.12 3.65 15.19
N ALA A 206 -14.81 2.76 14.26
CA ALA A 206 -13.73 3.08 13.33
C ALA A 206 -14.02 4.41 12.63
N TYR A 207 -13.01 5.25 12.53
CA TYR A 207 -13.17 6.54 11.84
C TYR A 207 -13.42 6.32 10.34
N SER A 208 -12.67 5.38 9.80
CA SER A 208 -12.72 4.91 8.41
C SER A 208 -12.20 3.47 8.41
N ALA A 209 -12.22 2.84 7.24
CA ALA A 209 -11.73 1.48 7.09
C ALA A 209 -11.12 1.27 5.72
N VAL A 210 -10.19 0.33 5.66
CA VAL A 210 -9.48 -0.01 4.43
C VAL A 210 -9.84 -1.46 4.06
N VAL A 211 -10.32 -1.63 2.82
CA VAL A 211 -10.50 -2.93 2.21
C VAL A 211 -9.50 -3.06 1.10
N GLY A 212 -8.81 -4.19 1.06
CA GLY A 212 -7.75 -4.43 0.10
C GLY A 212 -8.08 -5.59 -0.79
N GLY A 213 -7.49 -6.75 -0.44
CA GLY A 213 -7.55 -7.93 -1.28
C GLY A 213 -8.96 -8.37 -1.64
N ALA A 214 -9.94 -8.16 -0.74
CA ALA A 214 -11.32 -8.55 -1.02
C ALA A 214 -11.93 -7.77 -2.21
N ILE A 215 -11.26 -6.70 -2.64
CA ILE A 215 -11.62 -5.96 -3.87
C ILE A 215 -10.56 -6.15 -4.97
N THR A 216 -9.28 -6.03 -4.61
CA THR A 216 -8.21 -5.85 -5.59
C THR A 216 -7.25 -7.05 -5.75
N ARG A 217 -7.51 -8.16 -5.06
CA ARG A 217 -6.73 -9.41 -5.25
C ARG A 217 -7.64 -10.54 -5.72
N PRO A 218 -7.92 -10.60 -7.03
CA PRO A 218 -8.83 -11.64 -7.49
C PRO A 218 -8.36 -13.07 -7.14
N GLN A 219 -7.05 -13.29 -6.99
CA GLN A 219 -6.61 -14.61 -6.56
C GLN A 219 -7.19 -14.96 -5.19
N GLN A 220 -7.11 -14.01 -4.27
CA GLN A 220 -7.58 -14.19 -2.91
C GLN A 220 -9.10 -14.37 -2.91
N ILE A 221 -9.80 -13.56 -3.70
CA ILE A 221 -11.26 -13.66 -3.78
C ILE A 221 -11.68 -14.99 -4.33
N THR A 222 -10.97 -15.45 -5.37
CA THR A 222 -11.26 -16.71 -5.98
C THR A 222 -11.04 -17.86 -5.00
N LYS A 223 -9.95 -17.78 -4.22
CA LYS A 223 -9.63 -18.86 -3.27
C LYS A 223 -10.70 -18.93 -2.18
N ARG A 224 -11.27 -17.80 -1.80
CA ARG A 224 -12.30 -17.81 -0.80
C ARG A 224 -13.55 -18.56 -1.35
N PHE A 225 -13.83 -18.39 -2.64
CA PHE A 225 -14.87 -19.19 -3.31
C PHE A 225 -14.53 -20.70 -3.40
N THR A 226 -13.37 -21.03 -3.96
CA THR A 226 -13.01 -22.44 -4.18
C THR A 226 -12.85 -23.21 -2.86
N ASP A 227 -12.48 -22.50 -1.80
CA ASP A 227 -12.27 -23.13 -0.49
C ASP A 227 -13.57 -23.72 0.06
N ILE A 228 -14.71 -23.07 -0.23
CA ILE A 228 -15.99 -23.58 0.25
C ILE A 228 -16.51 -24.89 -0.45
N LEU A 229 -15.97 -25.21 -1.64
CA LEU A 229 -16.35 -26.42 -2.39
C LEU A 229 -15.71 -27.72 -1.84
N GLY B 1 13.46 -18.15 -49.45
CA GLY B 1 14.78 -17.47 -49.55
C GLY B 1 15.76 -17.99 -48.50
N SER B 2 17.04 -18.01 -48.86
CA SER B 2 18.12 -18.19 -47.89
C SER B 2 19.23 -17.16 -48.07
N HIS B 3 20.02 -17.00 -47.01
CA HIS B 3 21.23 -16.15 -47.07
C HIS B 3 22.32 -16.62 -46.11
N HIS B 4 23.47 -15.96 -46.21
CA HIS B 4 24.63 -16.32 -45.40
C HIS B 4 24.33 -15.91 -43.96
N HIS B 5 24.91 -16.66 -43.03
CA HIS B 5 24.68 -16.43 -41.60
C HIS B 5 25.81 -15.53 -41.10
N HIS B 6 25.48 -14.59 -40.24
CA HIS B 6 26.42 -13.67 -39.60
C HIS B 6 26.69 -14.14 -38.17
N HIS B 7 27.88 -13.86 -37.66
CA HIS B 7 28.21 -14.23 -36.29
C HIS B 7 27.55 -13.26 -35.31
N HIS B 8 27.54 -11.97 -35.64
CA HIS B 8 27.03 -10.91 -34.78
C HIS B 8 25.63 -10.62 -35.23
N HIS B 9 24.73 -10.36 -34.28
CA HIS B 9 23.37 -9.97 -34.61
C HIS B 9 23.06 -8.76 -33.77
N MET B 10 22.27 -7.82 -34.33
CA MET B 10 22.10 -6.53 -33.76
C MET B 10 21.66 -6.48 -32.31
N LEU B 11 20.61 -7.22 -31.94
CA LEU B 11 20.14 -7.17 -30.56
C LEU B 11 21.22 -7.66 -29.59
N ASP B 12 21.91 -8.73 -29.91
CA ASP B 12 22.99 -9.21 -29.05
C ASP B 12 24.09 -8.14 -28.95
N VAL B 13 24.39 -7.49 -30.06
CA VAL B 13 25.46 -6.51 -30.11
C VAL B 13 25.22 -5.27 -29.24
N VAL B 14 23.97 -4.81 -29.20
CA VAL B 14 23.63 -3.61 -28.44
C VAL B 14 23.34 -3.92 -26.97
N LYS B 15 23.16 -5.19 -26.62
CA LYS B 15 22.78 -5.54 -25.24
C LYS B 15 23.82 -5.06 -24.24
N GLY B 16 23.35 -4.25 -23.27
CA GLY B 16 24.18 -3.63 -22.26
C GLY B 16 25.10 -2.51 -22.72
N ASN B 17 24.97 -2.12 -24.00
CA ASN B 17 25.83 -1.16 -24.64
C ASN B 17 25.05 0.05 -25.10
N LEU B 18 25.78 1.06 -25.58
CA LEU B 18 25.20 2.32 -26.01
C LEU B 18 24.93 2.38 -27.52
N ILE B 19 23.75 2.87 -27.86
CA ILE B 19 23.35 3.24 -29.22
C ILE B 19 23.42 4.78 -29.28
N VAL B 20 24.01 5.35 -30.32
CA VAL B 20 24.05 6.80 -30.43
C VAL B 20 23.22 7.25 -31.60
N SER B 21 22.33 8.21 -31.34
CA SER B 21 21.49 8.79 -32.36
C SER B 21 22.20 9.99 -32.99
N CYS B 22 22.40 9.93 -34.30
CA CYS B 22 23.11 10.98 -35.04
C CYS B 22 22.12 11.60 -36.00
N GLN B 23 21.36 12.56 -35.52
CA GLN B 23 20.33 13.22 -36.32
C GLN B 23 20.53 14.73 -36.36
N ALA B 24 20.22 15.27 -37.52
CA ALA B 24 20.20 16.72 -37.70
C ALA B 24 19.20 17.08 -38.76
N LEU B 25 18.05 17.62 -38.37
CA LEU B 25 17.02 17.92 -39.34
C LEU B 25 17.29 19.26 -40.04
N SER B 26 16.45 19.62 -41.00
CA SER B 26 16.77 20.74 -41.88
C SER B 26 16.94 22.12 -41.19
N ASP B 27 16.32 22.28 -40.03
CA ASP B 27 16.47 23.51 -39.24
C ASP B 27 17.59 23.46 -38.21
N GLU B 28 18.47 22.48 -38.30
CA GLU B 28 19.57 22.32 -37.36
C GLU B 28 20.92 22.57 -38.03
N PRO B 29 21.90 23.07 -37.27
CA PRO B 29 23.16 23.55 -37.91
C PRO B 29 24.00 22.44 -38.55
N LEU B 30 23.88 21.21 -38.06
CA LEU B 30 24.66 20.08 -38.64
C LEU B 30 23.94 19.27 -39.72
N HIS B 31 22.86 19.79 -40.29
CA HIS B 31 22.09 19.09 -41.32
C HIS B 31 22.96 18.82 -42.52
N SER B 32 23.35 17.57 -42.64
CA SER B 32 24.31 17.13 -43.66
C SER B 32 24.66 15.66 -43.46
N SER B 33 24.48 14.83 -44.48
CA SER B 33 24.90 13.44 -44.37
C SER B 33 26.39 13.33 -44.08
N PHE B 34 27.20 14.22 -44.67
CA PHE B 34 28.62 14.25 -44.43
C PHE B 34 28.92 14.41 -42.95
N ILE B 35 28.25 15.37 -42.31
CA ILE B 35 28.51 15.62 -40.92
C ILE B 35 27.95 14.49 -40.05
N MET B 36 26.77 13.94 -40.37
CA MET B 36 26.27 12.83 -39.57
C MET B 36 27.16 11.60 -39.68
N GLY B 37 27.77 11.39 -40.86
CA GLY B 37 28.74 10.30 -41.02
C GLY B 37 29.93 10.48 -40.09
N ARG B 38 30.45 11.72 -40.00
CA ARG B 38 31.54 12.04 -39.10
C ARG B 38 31.15 11.90 -37.63
N MET B 39 29.96 12.34 -37.27
CA MET B 39 29.44 12.13 -35.89
C MET B 39 29.39 10.63 -35.54
N ALA B 40 28.98 9.81 -36.50
CA ALA B 40 28.86 8.37 -36.27
C ALA B 40 30.25 7.72 -36.11
N ILE B 41 31.23 8.17 -36.90
CA ILE B 41 32.64 7.74 -36.72
C ILE B 41 33.10 8.09 -35.32
N ALA B 42 32.84 9.32 -34.92
CA ALA B 42 33.16 9.74 -33.52
C ALA B 42 32.52 8.83 -32.46
N ALA B 43 31.25 8.54 -32.65
CA ALA B 43 30.49 7.67 -31.75
C ALA B 43 31.10 6.26 -31.71
N LYS B 44 31.36 5.69 -32.89
CA LYS B 44 32.05 4.39 -32.99
C LYS B 44 33.35 4.42 -32.19
N GLN B 45 34.16 5.44 -32.42
CA GLN B 45 35.48 5.49 -31.81
C GLN B 45 35.41 5.73 -30.29
N GLY B 46 34.27 6.25 -29.83
CA GLY B 46 33.98 6.44 -28.40
C GLY B 46 33.30 5.21 -27.77
N GLY B 47 33.12 4.15 -28.55
CA GLY B 47 32.55 2.88 -28.04
C GLY B 47 31.11 2.56 -28.33
N ALA B 48 30.41 3.38 -29.11
CA ALA B 48 29.03 3.07 -29.50
C ALA B 48 28.90 1.72 -30.22
N ALA B 49 27.87 0.95 -29.90
CA ALA B 49 27.66 -0.36 -30.50
C ALA B 49 26.81 -0.28 -31.75
N ALA B 50 26.00 0.77 -31.84
CA ALA B 50 25.10 0.98 -32.99
C ALA B 50 24.72 2.45 -33.14
N ILE B 51 24.13 2.80 -34.27
CA ILE B 51 23.70 4.14 -34.60
C ILE B 51 22.21 4.19 -34.92
N ARG B 52 21.51 5.18 -34.43
CA ARG B 52 20.16 5.51 -34.86
C ARG B 52 20.26 6.76 -35.76
N ALA B 53 19.69 6.70 -36.94
CA ALA B 53 19.83 7.78 -37.93
C ALA B 53 18.55 7.96 -38.70
N GLN B 54 18.40 9.15 -39.27
CA GLN B 54 17.17 9.57 -39.93
C GLN B 54 17.43 9.93 -41.37
N GLY B 55 16.61 9.41 -42.27
CA GLY B 55 16.76 9.68 -43.69
C GLY B 55 17.74 8.76 -44.41
N VAL B 56 17.35 8.43 -45.63
CA VAL B 56 18.09 7.52 -46.49
C VAL B 56 19.52 8.01 -46.69
N ASN B 57 19.71 9.28 -47.02
CA ASN B 57 21.07 9.78 -47.30
C ASN B 57 21.99 9.65 -46.07
N ASP B 58 21.50 9.98 -44.88
CA ASP B 58 22.33 9.89 -43.70
C ASP B 58 22.63 8.41 -43.36
N ILE B 59 21.62 7.56 -43.46
CA ILE B 59 21.77 6.13 -43.15
C ILE B 59 22.86 5.52 -44.07
N ASN B 60 22.77 5.82 -45.34
CA ASN B 60 23.70 5.25 -46.32
C ASN B 60 25.13 5.74 -46.07
N GLU B 61 25.29 7.04 -45.76
CA GLU B 61 26.60 7.60 -45.45
C GLU B 61 27.20 6.98 -44.19
N ILE B 62 26.38 6.87 -43.14
CA ILE B 62 26.82 6.33 -41.87
C ILE B 62 27.21 4.87 -42.06
N LYS B 63 26.42 4.11 -42.82
CA LYS B 63 26.75 2.71 -43.05
C LYS B 63 28.09 2.60 -43.78
N GLU B 64 28.28 3.41 -44.81
CA GLU B 64 29.54 3.39 -45.58
C GLU B 64 30.79 3.68 -44.71
N VAL B 65 30.68 4.69 -43.86
CA VAL B 65 31.86 5.18 -43.15
C VAL B 65 32.09 4.51 -41.78
N THR B 66 31.11 3.75 -41.29
CA THR B 66 31.27 3.09 -39.99
C THR B 66 31.06 1.58 -39.97
N LYS B 67 30.26 1.05 -40.89
CA LYS B 67 29.86 -0.37 -40.85
C LYS B 67 29.20 -0.80 -39.52
N LEU B 68 28.65 0.14 -38.77
CA LEU B 68 27.91 -0.21 -37.56
C LEU B 68 26.49 -0.63 -37.91
N PRO B 69 25.88 -1.45 -37.06
CA PRO B 69 24.43 -1.61 -37.16
C PRO B 69 23.68 -0.30 -36.98
N ILE B 70 22.60 -0.17 -37.75
CA ILE B 70 21.80 1.04 -37.82
C ILE B 70 20.32 0.78 -37.55
N ILE B 71 19.77 1.62 -36.66
CA ILE B 71 18.33 1.78 -36.52
CA ILE B 71 18.35 1.75 -36.53
C ILE B 71 17.94 2.94 -37.40
N GLY B 72 17.20 2.65 -38.48
CA GLY B 72 16.80 3.70 -39.41
C GLY B 72 15.36 4.13 -39.19
N ILE B 73 15.15 5.41 -39.40
CA ILE B 73 13.83 6.01 -39.41
C ILE B 73 13.78 7.05 -40.51
N ILE B 74 12.56 7.44 -40.90
CA ILE B 74 12.32 8.66 -41.71
C ILE B 74 11.30 9.46 -40.93
N LYS B 75 11.63 10.72 -40.63
CA LYS B 75 10.70 11.64 -40.03
C LYS B 75 10.08 12.45 -41.16
N ARG B 76 8.73 12.45 -41.19
CA ARG B 76 7.97 13.15 -42.22
C ARG B 76 6.59 13.50 -41.67
N ASN B 77 6.19 14.77 -41.86
CA ASN B 77 4.87 15.22 -41.47
C ASN B 77 3.87 14.89 -42.56
N TYR B 78 2.70 14.42 -42.14
CA TYR B 78 1.53 14.30 -42.97
C TYR B 78 0.43 15.19 -42.42
N ASP B 79 -0.40 15.74 -43.31
CA ASP B 79 -1.44 16.66 -42.90
C ASP B 79 -2.56 16.01 -42.10
N ASP B 80 -2.69 14.68 -42.20
CA ASP B 80 -3.81 13.96 -41.63
C ASP B 80 -3.43 13.05 -40.46
N SER B 81 -2.27 13.32 -39.84
CA SER B 81 -1.80 12.53 -38.72
C SER B 81 -0.84 13.34 -37.86
N GLU B 82 -0.82 13.03 -36.58
CA GLU B 82 0.16 13.61 -35.66
C GLU B 82 1.45 12.80 -35.65
N ILE B 83 1.43 11.63 -36.26
CA ILE B 83 2.57 10.71 -36.25
C ILE B 83 3.59 11.19 -37.30
N TYR B 84 4.86 11.19 -36.95
CA TYR B 84 5.93 11.59 -37.90
C TYR B 84 7.14 10.65 -37.98
N ILE B 85 7.32 9.76 -37.01
CA ILE B 85 8.43 8.80 -37.07
C ILE B 85 7.97 7.59 -37.86
N THR B 86 8.47 7.48 -39.09
CA THR B 86 8.16 6.41 -40.07
C THR B 86 6.65 6.11 -40.13
N PRO B 87 5.88 7.09 -40.61
CA PRO B 87 4.43 7.03 -40.46
C PRO B 87 3.72 6.06 -41.37
N THR B 88 4.25 5.81 -42.57
CA THR B 88 3.52 5.01 -43.60
C THR B 88 4.42 3.99 -44.30
N MET B 89 3.79 3.10 -45.06
CA MET B 89 4.52 2.12 -45.90
C MET B 89 5.53 2.82 -46.83
N LYS B 90 5.21 4.02 -47.30
CA LYS B 90 6.14 4.75 -48.18
C LYS B 90 7.53 4.91 -47.54
N GLU B 91 7.57 5.34 -46.27
CA GLU B 91 8.83 5.47 -45.56
C GLU B 91 9.45 4.13 -45.26
N VAL B 92 8.64 3.14 -44.92
CA VAL B 92 9.18 1.80 -44.70
C VAL B 92 9.90 1.30 -45.97
N ASP B 93 9.26 1.41 -47.13
CA ASP B 93 9.85 0.98 -48.39
C ASP B 93 11.12 1.79 -48.73
N GLU B 94 11.10 3.08 -48.46
CA GLU B 94 12.32 3.90 -48.66
C GLU B 94 13.49 3.39 -47.79
N LEU B 95 13.21 3.05 -46.52
CA LEU B 95 14.23 2.51 -45.61
C LEU B 95 14.73 1.11 -45.99
N LEU B 96 13.83 0.29 -46.55
CA LEU B 96 14.18 -1.06 -46.96
C LEU B 96 15.13 -1.06 -48.16
N LYS B 97 15.26 0.10 -48.83
CA LYS B 97 16.26 0.25 -49.89
CA LYS B 97 16.25 0.31 -49.90
C LYS B 97 17.66 0.60 -49.35
N THR B 98 17.77 0.80 -48.05
CA THR B 98 19.06 0.98 -47.37
C THR B 98 19.42 -0.37 -46.75
N ASP B 99 20.62 -0.45 -46.17
CA ASP B 99 21.00 -1.69 -45.48
C ASP B 99 20.73 -1.67 -43.96
N CYS B 100 19.99 -0.70 -43.46
CA CYS B 100 19.79 -0.64 -42.00
C CYS B 100 19.12 -1.91 -41.52
N GLU B 101 19.65 -2.46 -40.43
CA GLU B 101 19.23 -3.76 -39.91
C GLU B 101 17.94 -3.71 -39.11
N MET B 102 17.63 -2.54 -38.59
CA MET B 102 16.44 -2.30 -37.78
C MET B 102 15.75 -1.03 -38.29
N ILE B 103 14.42 -1.07 -38.31
CA ILE B 103 13.63 0.11 -38.67
C ILE B 103 12.76 0.42 -37.47
N ALA B 104 12.83 1.65 -36.99
CA ALA B 104 11.95 2.07 -35.88
C ALA B 104 10.79 2.88 -36.45
N LEU B 105 9.65 2.71 -35.81
CA LEU B 105 8.48 3.48 -36.16
C LEU B 105 7.67 3.82 -34.93
N ASP B 106 6.95 4.94 -35.02
CA ASP B 106 5.96 5.32 -34.03
C ASP B 106 4.96 4.16 -33.95
N ALA B 107 4.75 3.70 -32.72
CA ALA B 107 3.78 2.66 -32.42
C ALA B 107 2.86 3.16 -31.33
N THR B 108 2.50 4.44 -31.41
CA THR B 108 1.48 5.00 -30.54
C THR B 108 0.07 4.55 -31.01
N LYS B 109 -0.93 4.80 -30.17
CA LYS B 109 -2.30 4.40 -30.47
C LYS B 109 -2.98 5.27 -31.54
N ARG B 110 -2.25 6.25 -32.06
CA ARG B 110 -2.85 7.28 -32.88
C ARG B 110 -3.06 6.84 -34.33
N LYS B 111 -3.95 7.55 -35.01
CA LYS B 111 -4.27 7.24 -36.40
C LYS B 111 -3.09 7.59 -37.29
N ARG B 112 -2.81 6.71 -38.25
CA ARG B 112 -1.69 6.96 -39.18
C ARG B 112 -2.21 7.63 -40.44
N PRO B 113 -1.29 8.22 -41.23
CA PRO B 113 -1.70 8.79 -42.50
C PRO B 113 -2.36 7.71 -43.39
N ASN B 114 -3.37 8.11 -44.16
CA ASN B 114 -4.07 7.23 -45.11
C ASN B 114 -4.84 6.12 -44.38
N GLY B 115 -5.04 6.26 -43.07
CA GLY B 115 -5.66 5.20 -42.30
C GLY B 115 -4.86 3.88 -42.29
N GLU B 116 -3.56 3.95 -42.56
CA GLU B 116 -2.71 2.75 -42.51
C GLU B 116 -2.57 2.16 -41.10
N ASN B 117 -2.28 0.86 -41.05
CA ASN B 117 -2.18 0.12 -39.79
C ASN B 117 -0.73 -0.26 -39.53
N VAL B 118 -0.29 -0.02 -38.32
CA VAL B 118 1.06 -0.33 -37.94
C VAL B 118 1.44 -1.82 -38.14
N LYS B 119 0.49 -2.72 -38.01
CA LYS B 119 0.79 -4.15 -38.23
C LYS B 119 1.28 -4.44 -39.65
N ASP B 120 0.72 -3.75 -40.63
CA ASP B 120 1.15 -3.92 -42.02
C ASP B 120 2.59 -3.46 -42.21
N LEU B 121 2.96 -2.39 -41.50
CA LEU B 121 4.33 -1.91 -41.54
C LEU B 121 5.29 -2.91 -40.91
N VAL B 122 4.95 -3.41 -39.72
CA VAL B 122 5.77 -4.43 -39.05
C VAL B 122 5.96 -5.67 -39.94
N ASP B 123 4.88 -6.13 -40.53
CA ASP B 123 4.94 -7.27 -41.45
C ASP B 123 5.85 -7.05 -42.69
N ALA B 124 5.81 -5.84 -43.27
CA ALA B 124 6.68 -5.49 -44.42
C ALA B 124 8.14 -5.52 -44.05
N ILE B 125 8.43 -5.07 -42.83
CA ILE B 125 9.79 -5.03 -42.33
C ILE B 125 10.28 -6.48 -42.15
N HIS B 126 9.45 -7.30 -41.52
CA HIS B 126 9.80 -8.69 -41.31
C HIS B 126 9.86 -9.46 -42.64
N ALA B 127 9.09 -9.04 -43.64
CA ALA B 127 9.13 -9.75 -44.94
C ALA B 127 10.48 -9.69 -45.63
N LYS B 128 11.25 -8.62 -45.39
CA LYS B 128 12.63 -8.47 -45.90
C LYS B 128 13.69 -8.88 -44.88
N GLY B 129 13.26 -9.49 -43.78
CA GLY B 129 14.22 -10.04 -42.82
C GLY B 129 14.87 -9.01 -41.90
N ARG B 130 14.19 -7.89 -41.72
CA ARG B 130 14.70 -6.86 -40.83
C ARG B 130 13.99 -6.90 -39.50
N LEU B 131 14.55 -6.17 -38.56
CA LEU B 131 13.95 -6.03 -37.24
C LEU B 131 13.11 -4.77 -37.19
N ALA B 132 12.08 -4.81 -36.33
CA ALA B 132 11.20 -3.66 -36.12
C ALA B 132 11.24 -3.20 -34.66
N MET B 133 11.46 -1.90 -34.47
CA MET B 133 11.47 -1.25 -33.16
C MET B 133 10.22 -0.38 -33.05
N ALA B 134 9.49 -0.54 -31.94
CA ALA B 134 8.35 0.29 -31.65
C ALA B 134 8.74 1.48 -30.76
N ASP B 135 8.67 2.69 -31.32
CA ASP B 135 8.79 3.93 -30.51
C ASP B 135 7.45 4.24 -29.84
N ILE B 136 7.42 4.21 -28.51
CA ILE B 136 6.17 4.35 -27.76
C ILE B 136 6.26 5.48 -26.76
N SER B 137 5.11 5.84 -26.20
CA SER B 137 5.00 6.94 -25.25
C SER B 137 4.40 6.52 -23.93
N THR B 138 3.69 5.39 -23.89
CA THR B 138 3.02 4.87 -22.70
C THR B 138 3.21 3.34 -22.51
N LEU B 139 2.90 2.87 -21.31
CA LEU B 139 3.01 1.44 -20.97
CA LEU B 139 3.03 1.44 -20.99
C LEU B 139 2.10 0.62 -21.87
N GLU B 140 0.83 1.04 -21.96
CA GLU B 140 -0.11 0.32 -22.81
C GLU B 140 0.35 0.21 -24.25
N GLU B 141 0.94 1.27 -24.80
CA GLU B 141 1.53 1.23 -26.13
C GLU B 141 2.63 0.18 -26.24
N GLY B 142 3.47 0.04 -25.22
CA GLY B 142 4.49 -1.03 -25.23
C GLY B 142 3.90 -2.45 -25.24
N ILE B 143 2.87 -2.68 -24.44
CA ILE B 143 2.20 -3.97 -24.41
C ILE B 143 1.65 -4.36 -25.76
N GLU B 144 0.94 -3.41 -26.38
CA GLU B 144 0.37 -3.64 -27.65
C GLU B 144 1.47 -3.86 -28.67
N ALA B 145 2.60 -3.14 -28.56
CA ALA B 145 3.67 -3.32 -29.53
C ALA B 145 4.20 -4.76 -29.53
N GLU B 146 4.35 -5.34 -28.34
CA GLU B 146 4.75 -6.74 -28.21
C GLU B 146 3.71 -7.63 -28.90
N LYS B 147 2.44 -7.39 -28.61
CA LYS B 147 1.35 -8.18 -29.19
C LYS B 147 1.37 -8.10 -30.74
N LEU B 148 1.78 -6.95 -31.27
CA LEU B 148 1.87 -6.75 -32.71
C LEU B 148 3.14 -7.35 -33.35
N GLY B 149 4.02 -7.96 -32.56
CA GLY B 149 5.19 -8.64 -33.12
C GLY B 149 6.45 -7.82 -33.31
N PHE B 150 6.52 -6.62 -32.72
CA PHE B 150 7.76 -5.88 -32.74
C PHE B 150 8.87 -6.69 -32.07
N ASP B 151 10.09 -6.50 -32.56
CA ASP B 151 11.25 -7.18 -32.01
C ASP B 151 11.74 -6.52 -30.74
N CYS B 152 11.46 -5.22 -30.60
CA CYS B 152 11.84 -4.50 -29.39
C CYS B 152 11.02 -3.22 -29.27
N VAL B 153 11.04 -2.61 -28.08
CA VAL B 153 10.29 -1.41 -27.82
C VAL B 153 11.25 -0.36 -27.28
N SER B 154 10.99 0.90 -27.58
CA SER B 154 11.82 2.00 -27.14
CA SER B 154 11.83 1.99 -27.07
C SER B 154 10.95 3.11 -26.55
N THR B 155 11.46 3.83 -25.54
CA THR B 155 10.67 4.85 -24.86
C THR B 155 10.77 6.25 -25.50
N THR B 156 11.24 6.27 -26.75
CA THR B 156 11.48 7.47 -27.57
C THR B 156 10.44 8.56 -27.46
N LEU B 157 9.18 8.19 -27.54
CA LEU B 157 8.10 9.17 -27.69
C LEU B 157 7.47 9.58 -26.33
N SER B 158 7.92 9.01 -25.22
CA SER B 158 7.40 9.44 -23.91
C SER B 158 7.77 10.91 -23.68
N GLY B 159 6.74 11.73 -23.45
CA GLY B 159 6.89 13.18 -23.32
C GLY B 159 6.70 13.93 -24.61
N TYR B 160 6.55 13.19 -25.72
CA TYR B 160 6.36 13.77 -27.07
C TYR B 160 4.99 13.46 -27.65
N THR B 161 4.09 12.99 -26.79
CA THR B 161 2.66 12.88 -27.10
C THR B 161 1.91 13.57 -25.99
N PRO B 162 0.70 14.07 -26.30
CA PRO B 162 0.01 14.93 -25.34
C PRO B 162 -0.45 14.21 -24.07
N TYR B 163 -0.72 12.92 -24.22
CA TYR B 163 -1.33 12.08 -23.16
C TYR B 163 -0.26 11.30 -22.38
N SER B 164 0.99 11.40 -22.77
CA SER B 164 2.12 10.74 -22.05
C SER B 164 2.72 11.68 -20.99
N LYS B 165 3.62 11.16 -20.15
CA LYS B 165 4.16 11.96 -19.05
C LYS B 165 4.94 13.13 -19.63
N GLN B 166 4.63 14.34 -19.18
CA GLN B 166 5.37 15.50 -19.64
C GLN B 166 6.55 15.77 -18.69
N SER B 167 7.75 15.80 -19.25
CA SER B 167 8.95 15.89 -18.44
C SER B 167 10.12 16.39 -19.23
N ASN B 168 11.06 17.02 -18.53
CA ASN B 168 12.32 17.42 -19.15
C ASN B 168 13.45 16.47 -18.79
N SER B 169 13.12 15.37 -18.12
CA SER B 169 14.16 14.36 -17.82
C SER B 169 13.75 12.95 -18.24
N VAL B 170 14.67 12.00 -18.09
CA VAL B 170 14.43 10.64 -18.59
C VAL B 170 13.19 10.06 -17.87
N ASP B 171 12.33 9.40 -18.62
CA ASP B 171 11.20 8.70 -18.05
C ASP B 171 11.64 7.31 -17.57
N PHE B 172 12.16 7.27 -16.36
CA PHE B 172 12.56 6.01 -15.75
C PHE B 172 11.39 5.14 -15.33
N GLU B 173 10.26 5.75 -14.95
CA GLU B 173 9.11 4.98 -14.51
C GLU B 173 8.57 4.11 -15.64
N LEU B 174 8.42 4.67 -16.83
CA LEU B 174 7.95 3.92 -18.00
C LEU B 174 8.92 2.76 -18.30
N LEU B 175 10.21 3.06 -18.25
CA LEU B 175 11.20 2.00 -18.40
C LEU B 175 11.01 0.83 -17.41
N GLU B 176 10.91 1.15 -16.13
CA GLU B 176 10.73 0.14 -15.10
C GLU B 176 9.48 -0.70 -15.30
N GLU B 177 8.37 -0.01 -15.60
CA GLU B 177 7.08 -0.66 -15.80
C GLU B 177 7.09 -1.56 -17.01
N LEU B 178 7.73 -1.15 -18.10
CA LEU B 178 7.86 -1.99 -19.30
C LEU B 178 8.71 -3.21 -19.03
N VAL B 179 9.83 -2.99 -18.33
CA VAL B 179 10.72 -4.09 -17.97
C VAL B 179 9.99 -5.16 -17.18
N LYS B 180 9.06 -4.78 -16.29
CA LYS B 180 8.34 -5.77 -15.49
C LYS B 180 7.11 -6.41 -16.22
N THR B 181 6.80 -5.94 -17.44
CA THR B 181 5.57 -6.36 -18.11
C THR B 181 5.74 -6.95 -19.54
N VAL B 182 6.72 -6.51 -20.31
CA VAL B 182 6.90 -7.11 -21.64
C VAL B 182 8.13 -8.02 -21.63
N LYS B 183 8.17 -9.01 -22.52
CA LYS B 183 9.27 -9.97 -22.55
C LYS B 183 10.35 -9.54 -23.57
N ILE B 184 9.97 -8.70 -24.54
CA ILE B 184 10.88 -8.30 -25.60
C ILE B 184 11.81 -7.19 -25.06
N PRO B 185 12.99 -7.02 -25.68
CA PRO B 185 13.90 -5.97 -25.23
C PRO B 185 13.27 -4.59 -25.15
N VAL B 186 13.54 -3.90 -24.04
CA VAL B 186 13.10 -2.56 -23.82
C VAL B 186 14.32 -1.64 -23.86
N ILE B 187 14.27 -0.67 -24.79
CA ILE B 187 15.39 0.25 -25.01
C ILE B 187 14.99 1.64 -24.48
N CYS B 188 15.83 2.20 -23.64
CA CYS B 188 15.56 3.50 -23.09
C CYS B 188 16.07 4.58 -24.03
N GLU B 189 15.17 5.42 -24.50
CA GLU B 189 15.51 6.53 -25.37
CA GLU B 189 15.55 6.57 -25.34
C GLU B 189 14.69 7.77 -24.97
N GLY B 190 15.35 8.92 -24.78
CA GLY B 190 14.66 10.19 -24.48
C GLY B 190 15.27 10.92 -23.31
N ARG B 191 15.97 12.01 -23.63
CA ARG B 191 16.46 12.97 -22.67
C ARG B 191 17.56 12.44 -21.76
N ILE B 192 18.31 11.41 -22.21
CA ILE B 192 19.48 10.95 -21.47
C ILE B 192 20.57 11.98 -21.68
N ASN B 193 20.90 12.73 -20.64
CA ASN B 193 21.93 13.80 -20.79
C ASN B 193 23.29 13.49 -20.14
N THR B 194 23.31 12.56 -19.17
CA THR B 194 24.49 12.27 -18.36
C THR B 194 24.83 10.79 -18.33
N PRO B 195 26.12 10.47 -18.13
CA PRO B 195 26.51 9.07 -17.95
C PRO B 195 25.78 8.43 -16.78
N GLU B 196 25.50 9.20 -15.74
CA GLU B 196 24.82 8.67 -14.56
C GLU B 196 23.40 8.24 -14.91
N GLU B 197 22.73 9.01 -15.74
CA GLU B 197 21.37 8.66 -16.23
C GLU B 197 21.40 7.41 -17.09
N LEU B 198 22.44 7.30 -17.93
CA LEU B 198 22.58 6.12 -18.76
C LEU B 198 22.77 4.87 -17.91
N LYS B 199 23.69 4.93 -16.96
CA LYS B 199 23.92 3.85 -16.02
C LYS B 199 22.64 3.50 -15.29
N LYS B 200 21.92 4.51 -14.83
CA LYS B 200 20.66 4.26 -14.13
C LYS B 200 19.65 3.50 -15.01
N ALA B 201 19.55 3.86 -16.30
CA ALA B 201 18.63 3.19 -17.21
C ALA B 201 18.97 1.70 -17.34
N LEU B 202 20.25 1.40 -17.53
CA LEU B 202 20.69 -0.02 -17.59
C LEU B 202 20.48 -0.74 -16.27
N ASP B 203 20.75 -0.06 -15.15
CA ASP B 203 20.57 -0.66 -13.84
C ASP B 203 19.10 -0.99 -13.58
N LEU B 204 18.21 -0.21 -14.18
CA LEU B 204 16.77 -0.44 -14.04
C LEU B 204 16.23 -1.50 -15.01
N GLY B 205 17.12 -2.10 -15.80
CA GLY B 205 16.74 -3.22 -16.66
C GLY B 205 16.57 -2.93 -18.15
N ALA B 206 16.90 -1.71 -18.57
CA ALA B 206 16.92 -1.41 -20.01
C ALA B 206 17.88 -2.37 -20.71
N TYR B 207 17.41 -2.95 -21.82
CA TYR B 207 18.24 -3.89 -22.55
C TYR B 207 19.45 -3.17 -23.16
N SER B 208 19.16 -2.00 -23.70
CA SER B 208 20.14 -1.04 -24.23
C SER B 208 19.54 0.36 -24.07
N ALA B 209 20.29 1.38 -24.47
CA ALA B 209 19.82 2.75 -24.40
C ALA B 209 20.39 3.55 -25.55
N VAL B 210 19.68 4.64 -25.85
CA VAL B 210 20.05 5.54 -26.96
C VAL B 210 20.27 6.94 -26.37
N VAL B 211 21.45 7.48 -26.68
CA VAL B 211 21.80 8.86 -26.38
C VAL B 211 21.93 9.55 -27.72
N GLY B 212 21.31 10.72 -27.80
CA GLY B 212 21.25 11.49 -29.04
C GLY B 212 21.88 12.84 -28.87
N GLY B 213 21.05 13.89 -28.68
CA GLY B 213 21.54 15.24 -28.71
C GLY B 213 22.63 15.58 -27.69
N ALA B 214 22.66 14.87 -26.55
CA ALA B 214 23.73 15.06 -25.55
C ALA B 214 25.12 14.70 -26.08
N ILE B 215 25.19 14.02 -27.22
CA ILE B 215 26.46 13.76 -27.92
C ILE B 215 26.50 14.55 -29.24
N THR B 216 25.42 14.47 -30.03
CA THR B 216 25.46 14.91 -31.42
C THR B 216 24.72 16.21 -31.76
N ARG B 217 24.20 16.92 -30.76
CA ARG B 217 23.61 18.25 -30.96
C ARG B 217 24.35 19.28 -30.14
N PRO B 218 25.49 19.80 -30.67
CA PRO B 218 26.23 20.79 -29.89
C PRO B 218 25.42 22.04 -29.48
N GLN B 219 24.40 22.44 -30.27
CA GLN B 219 23.56 23.53 -29.83
C GLN B 219 22.89 23.22 -28.49
N GLN B 220 22.34 22.01 -28.40
CA GLN B 220 21.62 21.54 -27.21
C GLN B 220 22.59 21.43 -26.04
N ILE B 221 23.78 20.87 -26.29
CA ILE B 221 24.79 20.73 -25.24
C ILE B 221 25.24 22.11 -24.74
N THR B 222 25.49 23.05 -25.67
CA THR B 222 25.88 24.37 -25.33
C THR B 222 24.80 25.08 -24.48
N LYS B 223 23.54 24.90 -24.89
CA LYS B 223 22.43 25.51 -24.15
C LYS B 223 22.32 24.98 -22.72
N ARG B 224 22.62 23.72 -22.51
CA ARG B 224 22.62 23.18 -21.16
C ARG B 224 23.71 23.85 -20.31
N PHE B 225 24.87 24.15 -20.91
CA PHE B 225 25.88 24.95 -20.26
C PHE B 225 25.47 26.40 -20.01
N THR B 226 25.00 27.12 -21.04
CA THR B 226 24.71 28.53 -20.87
C THR B 226 23.50 28.74 -19.96
N ASP B 227 22.59 27.77 -19.93
CA ASP B 227 21.40 27.91 -19.08
C ASP B 227 21.75 28.01 -17.60
N ILE B 228 22.85 27.38 -17.17
CA ILE B 228 23.25 27.44 -15.76
C ILE B 228 23.88 28.81 -15.31
N LEU B 229 24.25 29.66 -16.26
CA LEU B 229 24.86 30.96 -15.99
C LEU B 229 23.85 32.10 -15.66
N GLY C 1 14.38 37.56 36.48
CA GLY C 1 13.15 37.69 35.64
C GLY C 1 11.88 37.60 36.47
N SER C 2 10.74 37.49 35.79
CA SER C 2 9.42 37.54 36.43
C SER C 2 8.40 36.62 35.78
N SER C 3 7.34 36.31 36.52
CA SER C 3 6.26 35.46 36.01
C SER C 3 4.93 35.94 36.56
N HIS C 4 3.84 35.48 35.93
CA HIS C 4 2.51 35.75 36.46
C HIS C 4 2.37 34.97 37.78
N HIS C 5 1.53 35.48 38.67
CA HIS C 5 1.33 34.90 39.98
C HIS C 5 0.17 33.93 39.90
N HIS C 6 0.30 32.83 40.58
CA HIS C 6 -0.79 31.84 40.70
C HIS C 6 -1.45 31.95 42.07
N HIS C 7 -2.75 31.62 42.15
CA HIS C 7 -3.44 31.68 43.41
C HIS C 7 -3.05 30.50 44.32
N HIS C 8 -2.84 29.32 43.73
CA HIS C 8 -2.57 28.07 44.45
C HIS C 8 -1.09 27.73 44.41
N HIS C 9 -0.57 27.29 45.54
CA HIS C 9 0.84 26.95 45.63
C HIS C 9 0.97 25.61 46.25
N MET C 10 1.91 24.84 45.74
CA MET C 10 1.98 23.41 46.02
CA MET C 10 1.96 23.40 46.01
C MET C 10 1.94 23.05 47.50
N LEU C 11 2.83 23.65 48.30
CA LEU C 11 2.86 23.32 49.72
C LEU C 11 1.55 23.66 50.40
N ASP C 12 0.95 24.80 50.09
CA ASP C 12 -0.39 25.10 50.64
C ASP C 12 -1.44 24.08 50.21
N VAL C 13 -1.39 23.66 48.95
CA VAL C 13 -2.39 22.74 48.38
C VAL C 13 -2.36 21.36 49.05
N VAL C 14 -1.14 20.88 49.34
CA VAL C 14 -0.99 19.55 49.96
C VAL C 14 -1.19 19.54 51.48
N LYS C 15 -1.12 20.72 52.12
CA LYS C 15 -1.20 20.79 53.59
C LYS C 15 -2.45 20.12 54.10
N GLY C 16 -2.27 19.11 54.96
CA GLY C 16 -3.37 18.36 55.59
C GLY C 16 -4.09 17.38 54.67
N ASN C 17 -3.57 17.25 53.45
CA ASN C 17 -4.18 16.45 52.40
C ASN C 17 -3.24 15.29 52.02
N LEU C 18 -3.73 14.44 51.11
CA LEU C 18 -3.02 13.27 50.66
C LEU C 18 -2.32 13.50 49.31
N ILE C 19 -1.07 13.07 49.24
CA ILE C 19 -0.29 12.99 48.00
C ILE C 19 -0.26 11.52 47.60
N VAL C 20 -0.52 11.21 46.33
CA VAL C 20 -0.48 9.82 45.90
C VAL C 20 0.68 9.60 44.97
N SER C 21 1.48 8.58 45.26
CA SER C 21 2.63 8.19 44.45
C SER C 21 2.15 7.14 43.41
N CYS C 22 2.36 7.47 42.15
CA CYS C 22 1.91 6.64 41.02
C CYS C 22 3.16 6.26 40.25
N GLN C 23 3.77 5.15 40.67
CA GLN C 23 4.99 4.62 40.10
C GLN C 23 4.88 3.13 39.73
N ALA C 24 5.53 2.75 38.64
CA ALA C 24 5.55 1.37 38.17
C ALA C 24 6.79 1.25 37.34
N LEU C 25 7.86 0.72 37.96
CA LEU C 25 9.12 0.52 37.27
C LEU C 25 9.04 -0.64 36.25
N SER C 26 10.11 -0.88 35.50
CA SER C 26 10.08 -1.78 34.34
C SER C 26 9.77 -3.24 34.67
N ASP C 27 10.00 -3.63 35.92
CA ASP C 27 9.69 -4.95 36.41
C ASP C 27 8.33 -5.09 37.09
N GLU C 28 7.48 -4.09 36.96
CA GLU C 28 6.17 -4.07 37.62
C GLU C 28 5.03 -4.14 36.62
N PRO C 29 3.92 -4.78 36.99
CA PRO C 29 2.85 -5.05 36.03
C PRO C 29 2.19 -3.84 35.40
N LEU C 30 2.11 -2.74 36.10
CA LEU C 30 1.45 -1.52 35.56
C LEU C 30 2.39 -0.58 34.81
N HIS C 31 3.64 -0.97 34.58
CA HIS C 31 4.63 -0.13 33.86
C HIS C 31 4.13 0.33 32.50
N SER C 32 3.97 1.65 32.40
CA SER C 32 3.35 2.32 31.29
C SER C 32 3.01 3.75 31.69
N SER C 33 3.44 4.73 30.89
CA SER C 33 3.04 6.12 31.20
C SER C 33 1.52 6.29 31.07
N PHE C 34 0.95 5.70 30.03
CA PHE C 34 -0.52 5.68 29.90
C PHE C 34 -1.21 5.19 31.17
N ILE C 35 -0.77 4.03 31.69
CA ILE C 35 -1.43 3.48 32.86
C ILE C 35 -1.24 4.38 34.09
N MET C 36 -0.03 4.88 34.28
CA MET C 36 0.22 5.80 35.40
C MET C 36 -0.68 7.06 35.32
N GLY C 37 -0.93 7.56 34.13
CA GLY C 37 -1.82 8.73 33.94
C GLY C 37 -3.23 8.41 34.40
N ARG C 38 -3.72 7.24 33.98
CA ARG C 38 -5.01 6.72 34.44
C ARG C 38 -5.07 6.52 35.96
N MET C 39 -4.01 5.93 36.56
CA MET C 39 -3.93 5.77 38.00
C MET C 39 -4.03 7.15 38.70
N ALA C 40 -3.34 8.15 38.16
CA ALA C 40 -3.33 9.50 38.68
C ALA C 40 -4.69 10.18 38.58
N ILE C 41 -5.43 9.94 37.48
CA ILE C 41 -6.79 10.45 37.34
C ILE C 41 -7.64 9.81 38.42
N ALA C 42 -7.49 8.50 38.65
CA ALA C 42 -8.28 7.84 39.69
C ALA C 42 -7.97 8.48 41.07
N ALA C 43 -6.69 8.69 41.34
CA ALA C 43 -6.25 9.30 42.62
C ALA C 43 -6.84 10.71 42.78
N LYS C 44 -6.77 11.49 41.71
CA LYS C 44 -7.36 12.82 41.67
C LYS C 44 -8.86 12.77 42.01
N GLN C 45 -9.60 11.82 41.39
CA GLN C 45 -11.02 11.68 41.60
C GLN C 45 -11.38 11.18 42.99
N GLY C 46 -10.45 10.52 43.65
CA GLY C 46 -10.64 10.04 45.01
C GLY C 46 -10.16 11.06 46.04
N GLY C 47 -9.71 12.21 45.55
CA GLY C 47 -9.31 13.34 46.44
C GLY C 47 -7.84 13.65 46.68
N ALA C 48 -6.93 13.04 45.93
CA ALA C 48 -5.48 13.33 46.05
C ALA C 48 -5.26 14.80 45.72
N ALA C 49 -4.42 15.48 46.48
CA ALA C 49 -4.10 16.88 46.20
C ALA C 49 -2.93 17.05 45.24
N ALA C 50 -2.10 16.01 45.10
CA ALA C 50 -0.89 16.08 44.29
C ALA C 50 -0.39 14.66 44.02
N ILE C 51 0.49 14.53 43.05
CA ILE C 51 0.98 13.21 42.64
C ILE C 51 2.50 13.18 42.74
N ARG C 52 3.06 12.10 43.25
CA ARG C 52 4.51 11.85 43.11
C ARG C 52 4.73 10.80 42.01
N ALA C 53 5.63 11.11 41.10
CA ALA C 53 5.82 10.26 39.94
C ALA C 53 7.27 10.22 39.52
N GLN C 54 7.62 9.17 38.78
CA GLN C 54 8.97 8.83 38.42
C GLN C 54 9.15 8.80 36.92
N GLY C 55 10.16 9.52 36.46
CA GLY C 55 10.54 9.49 35.06
C GLY C 55 9.81 10.54 34.26
N VAL C 56 10.51 11.08 33.27
CA VAL C 56 10.02 12.20 32.48
C VAL C 56 8.75 11.79 31.74
N ASN C 57 8.71 10.57 31.20
CA ASN C 57 7.54 10.16 30.43
C ASN C 57 6.28 10.09 31.31
N ASP C 58 6.38 9.47 32.48
CA ASP C 58 5.22 9.39 33.36
C ASP C 58 4.82 10.77 33.88
N ILE C 59 5.79 11.58 34.30
CA ILE C 59 5.51 12.93 34.77
C ILE C 59 4.75 13.75 33.72
N ASN C 60 5.22 13.72 32.47
CA ASN C 60 4.59 14.48 31.39
C ASN C 60 3.17 14.00 31.11
N GLU C 61 2.96 12.69 31.08
CA GLU C 61 1.59 12.16 30.93
C GLU C 61 0.64 12.54 32.05
N ILE C 62 1.08 12.35 33.32
CA ILE C 62 0.29 12.70 34.49
C ILE C 62 -0.07 14.19 34.49
N LYS C 63 0.90 15.04 34.17
CA LYS C 63 0.63 16.47 34.11
C LYS C 63 -0.46 16.76 33.09
N GLU C 64 -0.31 16.20 31.90
CA GLU C 64 -1.25 16.41 30.82
C GLU C 64 -2.66 15.95 31.18
N VAL C 65 -2.81 14.77 31.74
CA VAL C 65 -4.14 14.24 31.96
C VAL C 65 -4.78 14.60 33.31
N THR C 66 -4.02 15.14 34.27
CA THR C 66 -4.59 15.54 35.59
C THR C 66 -4.46 17.02 35.95
N LYS C 67 -3.47 17.70 35.40
CA LYS C 67 -3.12 19.08 35.81
C LYS C 67 -2.89 19.25 37.32
N LEU C 68 -2.53 18.18 38.01
CA LEU C 68 -2.25 18.25 39.46
C LEU C 68 -0.81 18.67 39.67
N PRO C 69 -0.53 19.24 40.84
CA PRO C 69 0.87 19.44 41.21
C PRO C 69 1.60 18.11 41.30
N ILE C 70 2.83 18.08 40.82
CA ILE C 70 3.64 16.88 40.79
C ILE C 70 4.97 17.04 41.53
N ILE C 71 5.29 16.02 42.34
CA ILE C 71 6.62 15.79 42.87
C ILE C 71 7.27 14.80 41.92
N GLY C 72 8.24 15.29 41.17
CA GLY C 72 8.97 14.48 40.21
C GLY C 72 10.28 13.97 40.74
N ILE C 73 10.57 12.71 40.42
CA ILE C 73 11.86 12.06 40.70
C ILE C 73 12.28 11.30 39.46
N ILE C 74 13.57 10.97 39.37
CA ILE C 74 14.06 9.94 38.46
C ILE C 74 14.88 8.91 39.25
N LYS C 75 14.51 7.66 39.13
CA LYS C 75 15.24 6.58 39.79
C LYS C 75 16.20 5.98 38.79
N ARG C 76 17.49 5.97 39.16
CA ARG C 76 18.56 5.50 38.25
C ARG C 76 19.73 5.01 39.10
N ASN C 77 20.19 3.82 38.82
CA ASN C 77 21.34 3.21 39.47
C ASN C 77 22.65 3.68 38.84
N TYR C 78 23.58 4.05 39.69
CA TYR C 78 24.94 4.34 39.25
C TYR C 78 25.87 3.34 39.91
N ASP C 79 26.91 2.93 39.19
CA ASP C 79 27.82 1.89 39.75
C ASP C 79 28.72 2.38 40.88
N ASP C 80 28.74 3.70 41.16
CA ASP C 80 29.62 4.27 42.19
C ASP C 80 28.86 4.92 43.36
N SER C 81 27.62 4.50 43.56
CA SER C 81 26.80 5.02 44.64
C SER C 81 25.66 4.06 44.94
N GLU C 82 25.20 4.09 46.19
CA GLU C 82 23.98 3.38 46.60
C GLU C 82 22.71 4.21 46.40
N ILE C 83 22.90 5.51 46.12
CA ILE C 83 21.80 6.43 45.95
C ILE C 83 21.17 6.24 44.56
N TYR C 84 19.84 6.15 44.54
CA TYR C 84 19.11 6.01 43.27
C TYR C 84 17.98 6.98 43.03
N ILE C 85 17.50 7.68 44.07
CA ILE C 85 16.47 8.70 43.86
C ILE C 85 17.09 10.06 43.47
N THR C 86 16.96 10.40 42.19
CA THR C 86 17.48 11.66 41.61
C THR C 86 18.92 11.89 42.06
N PRO C 87 19.84 11.01 41.62
CA PRO C 87 21.13 11.02 42.30
C PRO C 87 22.10 12.14 41.88
N THR C 88 21.97 12.64 40.66
CA THR C 88 22.92 13.59 40.07
C THR C 88 22.27 14.76 39.33
N MET C 89 23.10 15.73 38.96
CA MET C 89 22.63 16.91 38.21
C MET C 89 21.98 16.53 36.88
N LYS C 90 22.48 15.45 36.26
CA LYS C 90 21.86 14.91 35.05
C LYS C 90 20.36 14.66 35.22
N GLU C 91 19.97 13.99 36.32
CA GLU C 91 18.55 13.74 36.58
C GLU C 91 17.82 15.04 36.92
N VAL C 92 18.45 15.92 37.69
CA VAL C 92 17.83 17.21 37.99
C VAL C 92 17.48 17.96 36.69
N ASP C 93 18.44 18.03 35.78
CA ASP C 93 18.26 18.74 34.53
C ASP C 93 17.15 18.09 33.68
N GLU C 94 17.11 16.76 33.63
CA GLU C 94 16.02 16.08 32.92
C GLU C 94 14.66 16.43 33.52
N LEU C 95 14.55 16.46 34.84
CA LEU C 95 13.33 16.83 35.51
C LEU C 95 12.94 18.29 35.31
N LEU C 96 13.93 19.17 35.25
CA LEU C 96 13.63 20.59 35.04
C LEU C 96 13.08 20.85 33.63
N LYS C 97 13.32 19.94 32.69
CA LYS C 97 12.65 19.97 31.38
C LYS C 97 11.13 19.67 31.47
N THR C 98 10.67 19.03 32.55
CA THR C 98 9.23 18.79 32.71
C THR C 98 8.64 19.99 33.43
N ASP C 99 7.33 19.99 33.61
CA ASP C 99 6.72 21.10 34.35
C ASP C 99 6.52 20.84 35.84
N CYS C 100 7.15 19.81 36.39
CA CYS C 100 6.87 19.43 37.77
C CYS C 100 7.29 20.53 38.73
N GLU C 101 6.39 20.85 39.67
CA GLU C 101 6.58 22.00 40.56
C GLU C 101 7.58 21.75 41.68
N MET C 102 7.71 20.46 42.02
CA MET C 102 8.62 20.00 43.06
CA MET C 102 8.65 20.03 43.03
C MET C 102 9.45 18.83 42.51
N ILE C 103 10.72 18.82 42.87
CA ILE C 103 11.63 17.72 42.59
C ILE C 103 12.09 17.17 43.94
N ALA C 104 11.97 15.85 44.09
CA ALA C 104 12.44 15.16 45.28
C ALA C 104 13.72 14.46 44.92
N LEU C 105 14.61 14.40 45.90
CA LEU C 105 15.86 13.68 45.71
C LEU C 105 16.32 13.06 47.02
N ASP C 106 17.00 11.94 46.89
CA ASP C 106 17.75 11.37 48.00
C ASP C 106 18.61 12.46 48.66
N ALA C 107 18.33 12.71 49.94
CA ALA C 107 19.10 13.63 50.78
C ALA C 107 19.74 12.92 51.97
N THR C 108 20.17 11.68 51.72
CA THR C 108 20.89 10.91 52.73
C THR C 108 22.35 11.38 52.83
N LYS C 109 23.02 10.90 53.88
CA LYS C 109 24.41 11.28 54.12
C LYS C 109 25.39 10.62 53.14
N ARG C 110 24.86 9.82 52.23
CA ARG C 110 25.67 8.92 51.45
C ARG C 110 26.32 9.66 50.30
N LYS C 111 27.44 9.12 49.85
CA LYS C 111 28.14 9.63 48.71
C LYS C 111 27.34 9.42 47.42
N ARG C 112 27.32 10.46 46.59
CA ARG C 112 26.56 10.45 45.36
C ARG C 112 27.43 10.03 44.17
N PRO C 113 26.79 9.70 43.03
CA PRO C 113 27.64 9.38 41.89
C PRO C 113 28.52 10.57 41.46
N ASN C 114 29.71 10.26 40.94
CA ASN C 114 30.68 11.26 40.39
C ASN C 114 31.18 12.21 41.49
N GLY C 115 30.88 11.89 42.73
CA GLY C 115 31.21 12.74 43.87
C GLY C 115 30.43 14.03 43.99
N GLU C 116 29.24 14.10 43.38
CA GLU C 116 28.41 15.30 43.44
C GLU C 116 27.83 15.49 44.84
N ASN C 117 27.46 16.72 45.17
CA ASN C 117 26.92 16.98 46.49
C ASN C 117 25.51 17.49 46.38
N VAL C 118 24.72 17.26 47.43
CA VAL C 118 23.29 17.52 47.38
C VAL C 118 23.00 19.02 47.31
N LYS C 119 23.85 19.84 47.93
CA LYS C 119 23.62 21.30 47.89
C LYS C 119 23.57 21.86 46.45
N ASP C 120 24.48 21.40 45.60
CA ASP C 120 24.51 21.83 44.21
C ASP C 120 23.22 21.50 43.48
N LEU C 121 22.65 20.33 43.80
CA LEU C 121 21.36 19.92 43.20
C LEU C 121 20.18 20.82 43.67
N VAL C 122 20.12 21.06 44.97
CA VAL C 122 19.13 21.96 45.53
C VAL C 122 19.22 23.36 44.91
N ASP C 123 20.42 23.93 44.89
CA ASP C 123 20.61 25.25 44.28
C ASP C 123 20.19 25.30 42.81
N ALA C 124 20.45 24.24 42.05
CA ALA C 124 20.07 24.23 40.63
C ALA C 124 18.54 24.18 40.44
N ILE C 125 17.86 23.40 41.30
CA ILE C 125 16.40 23.39 41.36
C ILE C 125 15.85 24.76 41.73
N HIS C 126 16.43 25.39 42.73
CA HIS C 126 15.98 26.75 43.11
C HIS C 126 16.27 27.80 42.04
N ALA C 127 17.35 27.63 41.29
CA ALA C 127 17.71 28.59 40.25
C ALA C 127 16.67 28.64 39.11
N LYS C 128 15.91 27.56 38.93
CA LYS C 128 14.79 27.54 37.97
C LYS C 128 13.43 27.79 38.62
N GLY C 129 13.42 28.23 39.88
CA GLY C 129 12.17 28.58 40.55
C GLY C 129 11.29 27.43 41.03
N ARG C 130 11.87 26.21 41.08
CA ARG C 130 11.17 24.98 41.54
C ARG C 130 11.42 24.71 43.02
N LEU C 131 10.57 23.85 43.59
CA LEU C 131 10.67 23.43 44.98
C LEU C 131 11.50 22.13 45.08
N ALA C 132 12.23 21.98 46.19
CA ALA C 132 13.08 20.79 46.45
C ALA C 132 12.59 20.04 47.67
N MET C 133 12.41 18.72 47.52
CA MET C 133 12.01 17.84 48.61
C MET C 133 13.15 16.89 48.92
N ALA C 134 13.47 16.79 50.21
CA ALA C 134 14.53 15.93 50.69
C ALA C 134 13.95 14.63 51.16
N ASP C 135 14.23 13.55 50.44
CA ASP C 135 13.93 12.19 50.88
C ASP C 135 15.03 11.73 51.84
N ILE C 136 14.67 11.55 53.11
CA ILE C 136 15.64 11.23 54.15
C ILE C 136 15.32 9.92 54.87
N SER C 137 16.29 9.45 55.64
CA SER C 137 16.12 8.17 56.35
C SER C 137 16.29 8.28 57.87
N THR C 138 16.91 9.37 58.35
CA THR C 138 17.21 9.60 59.77
C THR C 138 16.88 11.03 60.17
N LEU C 139 16.73 11.22 61.47
CA LEU C 139 16.51 12.53 62.06
C LEU C 139 17.62 13.49 61.66
N GLU C 140 18.86 13.01 61.73
CA GLU C 140 20.02 13.85 61.43
C GLU C 140 20.04 14.29 59.95
N GLU C 141 19.65 13.39 59.05
CA GLU C 141 19.55 13.74 57.62
C GLU C 141 18.52 14.81 57.39
N GLY C 142 17.41 14.70 58.11
CA GLY C 142 16.34 15.69 58.01
C GLY C 142 16.76 17.04 58.52
N ILE C 143 17.45 17.08 59.65
CA ILE C 143 18.00 18.35 60.17
C ILE C 143 18.97 19.01 59.17
N GLU C 144 19.85 18.21 58.56
CA GLU C 144 20.81 18.76 57.59
C GLU C 144 20.08 19.24 56.35
N ALA C 145 19.06 18.49 55.92
CA ALA C 145 18.24 18.88 54.78
C ALA C 145 17.70 20.28 54.95
N GLU C 146 17.16 20.59 56.13
CA GLU C 146 16.66 21.94 56.39
C GLU C 146 17.80 22.97 56.28
N LYS C 147 18.95 22.64 56.85
CA LYS C 147 20.10 23.55 56.81
C LYS C 147 20.56 23.81 55.39
N LEU C 148 20.37 22.83 54.49
CA LEU C 148 20.76 22.99 53.08
C LEU C 148 19.71 23.79 52.24
N GLY C 149 18.60 24.17 52.87
CA GLY C 149 17.60 25.00 52.19
C GLY C 149 16.52 24.28 51.43
N PHE C 150 16.37 22.97 51.67
CA PHE C 150 15.23 22.23 51.11
C PHE C 150 13.92 22.87 51.54
N ASP C 151 12.91 22.80 50.68
CA ASP C 151 11.61 23.42 50.97
C ASP C 151 10.77 22.54 51.86
N CYS C 152 11.04 21.23 51.82
CA CYS C 152 10.39 20.28 52.71
C CYS C 152 11.22 19.00 52.80
N VAL C 153 10.84 18.18 53.77
CA VAL C 153 11.53 16.93 53.97
CA VAL C 153 11.52 16.92 54.03
C VAL C 153 10.47 15.84 54.05
N SER C 154 10.87 14.64 53.65
CA SER C 154 9.96 13.49 53.59
C SER C 154 10.67 12.27 54.16
N THR C 155 9.92 11.39 54.84
CA THR C 155 10.52 10.22 55.53
C THR C 155 10.69 9.00 54.62
N THR C 156 10.68 9.25 53.31
CA THR C 156 10.65 8.26 52.26
C THR C 156 11.64 7.12 52.43
N LEU C 157 12.86 7.44 52.83
CA LEU C 157 13.93 6.45 52.82
C LEU C 157 14.16 5.79 54.18
N SER C 158 13.36 6.13 55.19
CA SER C 158 13.50 5.44 56.47
C SER C 158 13.17 3.96 56.27
N GLY C 159 14.15 3.14 56.64
CA GLY C 159 14.09 1.70 56.45
C GLY C 159 14.64 1.23 55.11
N TYR C 160 15.09 2.17 54.27
CA TYR C 160 15.66 1.84 52.95
C TYR C 160 17.13 2.23 52.85
N THR C 161 17.72 2.54 53.99
CA THR C 161 19.16 2.67 54.16
C THR C 161 19.56 1.77 55.32
N PRO C 162 20.82 1.29 55.34
CA PRO C 162 21.16 0.27 56.34
C PRO C 162 21.32 0.79 57.79
N TYR C 163 21.52 2.10 57.96
CA TYR C 163 21.78 2.71 59.27
C TYR C 163 20.50 3.33 59.84
N SER C 164 19.40 3.29 59.09
CA SER C 164 18.11 3.77 59.57
C SER C 164 17.32 2.63 60.21
N LYS C 165 16.16 2.94 60.78
CA LYS C 165 15.37 1.92 61.47
C LYS C 165 14.81 0.94 60.47
N GLN C 166 15.05 -0.35 60.70
CA GLN C 166 14.53 -1.38 59.84
C GLN C 166 13.12 -1.71 60.35
N SER C 167 12.15 -1.67 59.45
CA SER C 167 10.75 -1.87 59.81
C SER C 167 9.93 -2.24 58.58
N ASN C 168 8.82 -2.93 58.81
CA ASN C 168 7.87 -3.22 57.75
C ASN C 168 6.62 -2.38 57.88
N SER C 169 6.63 -1.41 58.78
CA SER C 169 5.46 -0.52 58.95
C SER C 169 5.93 0.93 59.04
N VAL C 170 4.98 1.87 59.06
CA VAL C 170 5.33 3.30 59.02
C VAL C 170 6.27 3.67 60.17
N ASP C 171 7.30 4.49 59.88
CA ASP C 171 8.17 4.98 60.92
C ASP C 171 7.57 6.23 61.56
N PHE C 172 6.71 6.06 62.54
CA PHE C 172 6.06 7.19 63.22
C PHE C 172 7.04 7.88 64.15
N GLU C 173 7.97 7.12 64.69
CA GLU C 173 8.99 7.68 65.61
C GLU C 173 9.77 8.79 64.94
N LEU C 174 10.23 8.53 63.73
CA LEU C 174 11.03 9.51 62.97
C LEU C 174 10.19 10.74 62.61
N LEU C 175 8.94 10.49 62.21
CA LEU C 175 8.01 11.58 61.94
C LEU C 175 7.88 12.50 63.16
N GLU C 176 7.58 11.90 64.31
CA GLU C 176 7.37 12.68 65.55
C GLU C 176 8.60 13.51 65.92
N GLU C 177 9.79 12.90 65.84
CA GLU C 177 11.06 13.60 66.17
C GLU C 177 11.35 14.72 65.21
N LEU C 178 11.12 14.51 63.92
CA LEU C 178 11.36 15.55 62.89
C LEU C 178 10.43 16.75 63.07
N VAL C 179 9.15 16.46 63.32
CA VAL C 179 8.17 17.53 63.53
C VAL C 179 8.57 18.46 64.71
N LYS C 180 9.11 17.89 65.79
CA LYS C 180 9.52 18.68 66.97
C LYS C 180 10.80 19.51 66.78
N THR C 181 11.55 19.22 65.71
CA THR C 181 12.90 19.74 65.49
C THR C 181 12.99 20.69 64.29
N VAL C 182 12.51 20.28 63.13
CA VAL C 182 12.68 21.11 61.93
C VAL C 182 11.43 21.98 61.76
N LYS C 183 11.60 23.13 61.14
CA LYS C 183 10.54 24.13 61.00
C LYS C 183 9.84 24.04 59.65
N ILE C 184 10.55 23.56 58.64
CA ILE C 184 9.98 23.34 57.32
C ILE C 184 9.00 22.15 57.34
N PRO C 185 8.12 22.09 56.32
CA PRO C 185 7.22 20.93 56.27
C PRO C 185 7.87 19.56 56.27
N VAL C 186 7.35 18.71 57.16
CA VAL C 186 7.69 17.30 57.21
C VAL C 186 6.54 16.41 56.66
N ILE C 187 6.87 15.68 55.61
CA ILE C 187 5.93 14.85 54.89
C ILE C 187 6.20 13.38 55.24
N CYS C 188 5.17 12.69 55.75
CA CYS C 188 5.30 11.28 56.08
C CYS C 188 5.12 10.43 54.79
N GLU C 189 6.15 9.65 54.48
CA GLU C 189 6.16 8.79 53.30
C GLU C 189 6.91 7.50 53.63
N GLY C 190 6.26 6.37 53.39
CA GLY C 190 6.88 5.06 53.61
C GLY C 190 5.95 4.08 54.32
N ARG C 191 5.38 3.15 53.55
CA ARG C 191 4.66 2.00 54.13
C ARG C 191 3.34 2.35 54.79
N ILE C 192 2.75 3.48 54.38
CA ILE C 192 1.41 3.78 54.82
C ILE C 192 0.44 2.84 54.07
N ASN C 193 -0.19 1.93 54.81
CA ASN C 193 -1.08 0.91 54.22
C ASN C 193 -2.55 1.13 54.51
N THR C 194 -2.88 1.83 55.59
CA THR C 194 -4.25 1.96 56.03
C THR C 194 -4.69 3.41 56.26
N PRO C 195 -5.99 3.68 56.07
CA PRO C 195 -6.49 5.01 56.39
C PRO C 195 -6.15 5.41 57.84
N GLU C 196 -6.16 4.46 58.76
CA GLU C 196 -5.92 4.77 60.14
C GLU C 196 -4.45 5.21 60.35
N GLU C 197 -3.51 4.62 59.61
CA GLU C 197 -2.10 5.03 59.65
C GLU C 197 -1.93 6.43 59.08
N LEU C 198 -2.69 6.74 58.02
CA LEU C 198 -2.62 8.07 57.40
C LEU C 198 -3.08 9.13 58.40
N LYS C 199 -4.20 8.87 59.05
CA LYS C 199 -4.77 9.77 60.05
C LYS C 199 -3.78 9.98 61.19
N LYS C 200 -3.15 8.90 61.63
CA LYS C 200 -2.18 8.98 62.73
C LYS C 200 -0.98 9.84 62.33
N ALA C 201 -0.51 9.70 61.09
CA ALA C 201 0.62 10.49 60.60
C ALA C 201 0.25 11.96 60.65
N LEU C 202 -0.94 12.31 60.16
CA LEU C 202 -1.36 13.72 60.25
C LEU C 202 -1.55 14.17 61.70
N ASP C 203 -2.10 13.28 62.53
CA ASP C 203 -2.36 13.61 63.92
C ASP C 203 -1.06 13.84 64.69
N LEU C 204 0.02 13.20 64.25
CA LEU C 204 1.33 13.33 64.86
C LEU C 204 2.12 14.52 64.29
N GLY C 205 1.48 15.32 63.44
CA GLY C 205 2.05 16.58 62.94
C GLY C 205 2.66 16.59 61.56
N ALA C 206 2.53 15.48 60.83
CA ALA C 206 2.92 15.48 59.44
C ALA C 206 2.16 16.61 58.73
N TYR C 207 2.90 17.40 57.96
CA TYR C 207 2.31 18.51 57.19
C TYR C 207 1.39 17.95 56.11
N SER C 208 1.86 16.86 55.47
CA SER C 208 1.11 16.08 54.49
C SER C 208 1.69 14.67 54.51
N ALA C 209 1.17 13.78 53.70
CA ALA C 209 1.67 12.41 53.64
C ALA C 209 1.52 11.90 52.24
N VAL C 210 2.32 10.91 51.92
CA VAL C 210 2.31 10.26 50.62
C VAL C 210 1.97 8.78 50.81
N VAL C 211 0.93 8.33 50.08
CA VAL C 211 0.58 6.91 49.98
C VAL C 211 0.86 6.48 48.54
N GLY C 212 1.52 5.35 48.39
CA GLY C 212 1.97 4.87 47.10
C GLY C 212 1.35 3.52 46.80
N GLY C 213 2.12 2.46 47.06
CA GLY C 213 1.72 1.11 46.69
C GLY C 213 0.38 0.66 47.24
N ALA C 214 -0.01 1.16 48.42
CA ALA C 214 -1.32 0.78 49.01
C ALA C 214 -2.52 1.29 48.21
N ILE C 215 -2.23 2.18 47.24
CA ILE C 215 -3.24 2.57 46.24
C ILE C 215 -2.88 2.12 44.84
N THR C 216 -1.61 2.27 44.44
CA THR C 216 -1.23 2.10 43.03
C THR C 216 -0.39 0.86 42.68
N ARG C 217 -0.14 -0.05 43.64
CA ARG C 217 0.52 -1.33 43.35
C ARG C 217 -0.42 -2.49 43.68
N PRO C 218 -1.34 -2.82 42.78
CA PRO C 218 -2.28 -3.89 43.08
C PRO C 218 -1.58 -5.21 43.44
N GLN C 219 -0.35 -5.44 42.97
CA GLN C 219 0.33 -6.69 43.38
C GLN C 219 0.58 -6.71 44.87
N GLN C 220 1.04 -5.57 45.39
CA GLN C 220 1.37 -5.43 46.80
C GLN C 220 0.09 -5.49 47.62
N ILE C 221 -0.97 -4.84 47.13
CA ILE C 221 -2.25 -4.85 47.84
C ILE C 221 -2.78 -6.29 47.90
N THR C 222 -2.76 -7.01 46.77
CA THR C 222 -3.19 -8.39 46.72
C THR C 222 -2.39 -9.30 47.70
N LYS C 223 -1.09 -9.09 47.75
CA LYS C 223 -0.23 -9.92 48.61
C LYS C 223 -0.59 -9.71 50.08
N ARG C 224 -0.92 -8.49 50.48
CA ARG C 224 -1.40 -8.27 51.87
C ARG C 224 -2.67 -9.07 52.17
N PHE C 225 -3.56 -9.14 51.19
CA PHE C 225 -4.71 -10.01 51.31
C PHE C 225 -4.36 -11.50 51.38
N THR C 226 -3.58 -12.01 50.42
CA THR C 226 -3.31 -13.41 50.38
C THR C 226 -2.42 -13.85 51.58
N ASP C 227 -1.58 -12.94 52.06
CA ASP C 227 -0.66 -13.24 53.17
C ASP C 227 -1.45 -13.67 54.42
N ILE C 228 -2.68 -13.18 54.56
CA ILE C 228 -3.50 -13.51 55.74
C ILE C 228 -4.16 -14.92 55.69
N LEU C 229 -4.18 -15.56 54.52
CA LEU C 229 -4.86 -16.85 54.33
C LEU C 229 -3.95 -18.04 54.72
N GLY D 1 -10.74 -35.66 -40.20
CA GLY D 1 -11.27 -37.00 -39.82
C GLY D 1 -11.01 -37.27 -38.35
N SER D 2 -9.77 -37.02 -37.90
CA SER D 2 -9.31 -37.47 -36.58
C SER D 2 -8.32 -36.55 -35.88
N SER D 3 -8.15 -36.76 -34.58
CA SER D 3 -7.19 -35.99 -33.79
C SER D 3 -6.65 -36.84 -32.66
N HIS D 4 -5.59 -36.37 -32.00
CA HIS D 4 -5.06 -37.09 -30.85
C HIS D 4 -6.05 -36.89 -29.72
N HIS D 5 -6.06 -37.83 -28.79
CA HIS D 5 -7.03 -37.81 -27.68
C HIS D 5 -6.36 -37.12 -26.52
N HIS D 6 -7.14 -36.36 -25.78
CA HIS D 6 -6.65 -35.69 -24.56
C HIS D 6 -7.16 -36.44 -23.34
N HIS D 7 -6.40 -36.38 -22.24
CA HIS D 7 -6.86 -37.03 -21.02
C HIS D 7 -7.99 -36.22 -20.36
N HIS D 8 -7.90 -34.91 -20.43
CA HIS D 8 -8.81 -34.00 -19.74
C HIS D 8 -9.80 -33.43 -20.72
N HIS D 9 -11.06 -33.40 -20.30
CA HIS D 9 -12.13 -32.89 -21.13
C HIS D 9 -12.89 -31.88 -20.34
N MET D 10 -13.30 -30.80 -21.01
CA MET D 10 -13.76 -29.62 -20.31
CA MET D 10 -13.80 -29.57 -20.35
C MET D 10 -14.93 -29.87 -19.35
N LEU D 11 -15.96 -30.60 -19.77
CA LEU D 11 -17.10 -30.82 -18.86
C LEU D 11 -16.68 -31.60 -17.63
N ASP D 12 -15.82 -32.59 -17.79
CA ASP D 12 -15.31 -33.34 -16.63
C ASP D 12 -14.48 -32.44 -15.70
N VAL D 13 -13.66 -31.57 -16.30
CA VAL D 13 -12.75 -30.67 -15.55
C VAL D 13 -13.52 -29.67 -14.69
N VAL D 14 -14.65 -29.16 -15.21
CA VAL D 14 -15.43 -28.15 -14.47
C VAL D 14 -16.42 -28.76 -13.46
N LYS D 15 -16.71 -30.06 -13.59
CA LYS D 15 -17.70 -30.74 -12.73
C LYS D 15 -17.35 -30.53 -11.26
N GLY D 16 -18.26 -29.88 -10.52
CA GLY D 16 -18.09 -29.65 -9.10
C GLY D 16 -17.12 -28.53 -8.73
N ASN D 17 -16.61 -27.85 -9.75
CA ASN D 17 -15.61 -26.83 -9.61
C ASN D 17 -16.12 -25.46 -10.07
N LEU D 18 -15.27 -24.45 -9.90
CA LEU D 18 -15.59 -23.07 -10.23
C LEU D 18 -15.06 -22.66 -11.60
N ILE D 19 -15.92 -21.97 -12.34
CA ILE D 19 -15.57 -21.33 -13.60
C ILE D 19 -15.57 -19.83 -13.31
N VAL D 20 -14.51 -19.10 -13.71
CA VAL D 20 -14.49 -17.65 -13.48
C VAL D 20 -14.62 -16.88 -14.78
N SER D 21 -15.55 -15.93 -14.80
CA SER D 21 -15.78 -15.11 -15.97
C SER D 21 -14.93 -13.82 -15.81
N CYS D 22 -14.08 -13.60 -16.78
CA CYS D 22 -13.11 -12.51 -16.76
C CYS D 22 -13.45 -11.63 -17.97
N GLN D 23 -14.31 -10.65 -17.74
CA GLN D 23 -14.79 -9.74 -18.80
C GLN D 23 -14.70 -8.31 -18.35
N ALA D 24 -14.36 -7.45 -19.29
CA ALA D 24 -14.32 -6.01 -19.08
C ALA D 24 -14.57 -5.36 -20.41
N LEU D 25 -15.82 -4.90 -20.61
CA LEU D 25 -16.21 -4.27 -21.83
C LEU D 25 -15.62 -2.82 -21.92
N SER D 26 -15.88 -2.14 -23.04
CA SER D 26 -15.16 -0.90 -23.34
C SER D 26 -15.42 0.24 -22.38
N ASP D 27 -16.57 0.18 -21.69
CA ASP D 27 -16.91 1.18 -20.70
C ASP D 27 -16.51 0.78 -19.28
N GLU D 28 -15.67 -0.23 -19.13
CA GLU D 28 -15.30 -0.73 -17.81
C GLU D 28 -13.84 -0.45 -17.49
N PRO D 29 -13.50 -0.25 -16.21
CA PRO D 29 -12.15 0.17 -15.90
C PRO D 29 -11.01 -0.78 -16.26
N LEU D 30 -11.24 -2.07 -16.22
CA LEU D 30 -10.19 -3.05 -16.52
C LEU D 30 -10.10 -3.47 -17.99
N HIS D 31 -10.83 -2.78 -18.87
CA HIS D 31 -10.87 -3.12 -20.31
C HIS D 31 -9.45 -3.10 -20.89
N SER D 32 -9.04 -4.28 -21.33
CA SER D 32 -7.68 -4.57 -21.81
C SER D 32 -7.50 -6.07 -21.84
N SER D 33 -7.06 -6.62 -22.98
CA SER D 33 -6.75 -8.07 -23.05
C SER D 33 -5.62 -8.44 -22.10
N PHE D 34 -4.60 -7.61 -22.01
CA PHE D 34 -3.51 -7.82 -21.06
C PHE D 34 -4.07 -7.98 -19.65
N ILE D 35 -4.92 -7.05 -19.22
CA ILE D 35 -5.47 -7.10 -17.89
C ILE D 35 -6.34 -8.36 -17.66
N MET D 36 -7.18 -8.70 -18.63
CA MET D 36 -8.01 -9.90 -18.48
C MET D 36 -7.14 -11.16 -18.37
N GLY D 37 -6.00 -11.19 -19.08
CA GLY D 37 -5.05 -12.30 -18.96
C GLY D 37 -4.53 -12.43 -17.55
N ARG D 38 -4.16 -11.30 -16.94
CA ARG D 38 -3.64 -11.26 -15.59
C ARG D 38 -4.74 -11.65 -14.59
N MET D 39 -5.98 -11.18 -14.78
CA MET D 39 -7.12 -11.60 -13.96
C MET D 39 -7.31 -13.13 -14.05
N ALA D 40 -7.21 -13.69 -15.25
CA ALA D 40 -7.38 -15.15 -15.45
C ALA D 40 -6.29 -15.94 -14.77
N ILE D 41 -5.05 -15.42 -14.77
CA ILE D 41 -3.94 -16.04 -14.03
C ILE D 41 -4.28 -16.03 -12.54
N ALA D 42 -4.79 -14.91 -12.03
CA ALA D 42 -5.16 -14.83 -10.62
C ALA D 42 -6.22 -15.90 -10.33
N ALA D 43 -7.23 -15.98 -11.19
CA ALA D 43 -8.31 -16.94 -11.01
C ALA D 43 -7.78 -18.40 -11.00
N LYS D 44 -6.95 -18.73 -11.98
CA LYS D 44 -6.30 -20.00 -12.05
C LYS D 44 -5.56 -20.32 -10.75
N GLN D 45 -4.76 -19.35 -10.25
CA GLN D 45 -3.97 -19.57 -9.03
C GLN D 45 -4.84 -19.70 -7.79
N GLY D 46 -6.07 -19.21 -7.84
CA GLY D 46 -7.03 -19.32 -6.75
C GLY D 46 -7.93 -20.55 -6.87
N GLY D 47 -7.68 -21.34 -7.91
CA GLY D 47 -8.35 -22.65 -8.12
C GLY D 47 -9.45 -22.77 -9.16
N ALA D 48 -9.63 -21.76 -9.99
CA ALA D 48 -10.63 -21.82 -11.05
C ALA D 48 -10.26 -22.96 -12.01
N ALA D 49 -11.25 -23.73 -12.45
CA ALA D 49 -11.04 -24.85 -13.38
C ALA D 49 -11.10 -24.44 -14.84
N ALA D 50 -11.72 -23.28 -15.11
CA ALA D 50 -11.95 -22.78 -16.47
C ALA D 50 -12.31 -21.30 -16.43
N ILE D 51 -12.24 -20.64 -17.58
CA ILE D 51 -12.49 -19.21 -17.69
C ILE D 51 -13.59 -18.97 -18.71
N ARG D 52 -14.52 -18.08 -18.43
CA ARG D 52 -15.42 -17.55 -19.45
C ARG D 52 -14.93 -16.16 -19.84
N ALA D 53 -14.80 -15.95 -21.13
CA ALA D 53 -14.21 -14.69 -21.61
C ALA D 53 -14.90 -14.22 -22.87
N GLN D 54 -14.80 -12.91 -23.13
CA GLN D 54 -15.50 -12.23 -24.21
C GLN D 54 -14.54 -11.58 -25.20
N GLY D 55 -14.74 -11.90 -26.46
CA GLY D 55 -13.94 -11.30 -27.53
C GLY D 55 -12.69 -12.10 -27.84
N VAL D 56 -12.34 -12.07 -29.11
CA VAL D 56 -11.24 -12.86 -29.66
C VAL D 56 -9.94 -12.42 -29.00
N ASN D 57 -9.74 -11.12 -28.83
CA ASN D 57 -8.49 -10.63 -28.26
C ASN D 57 -8.29 -11.14 -26.81
N ASP D 58 -9.33 -11.04 -25.99
CA ASP D 58 -9.21 -11.50 -24.61
C ASP D 58 -9.08 -13.02 -24.53
N ILE D 59 -9.90 -13.73 -25.31
CA ILE D 59 -9.81 -15.17 -25.36
C ILE D 59 -8.38 -15.66 -25.72
N ASN D 60 -7.79 -15.04 -26.72
CA ASN D 60 -6.48 -15.45 -27.20
C ASN D 60 -5.40 -15.17 -26.14
N GLU D 61 -5.45 -14.01 -25.52
CA GLU D 61 -4.52 -13.70 -24.43
C GLU D 61 -4.67 -14.66 -23.25
N ILE D 62 -5.92 -14.85 -22.79
CA ILE D 62 -6.20 -15.75 -21.66
C ILE D 62 -5.69 -17.15 -21.93
N LYS D 63 -5.94 -17.64 -23.15
CA LYS D 63 -5.48 -18.96 -23.53
C LYS D 63 -3.96 -19.02 -23.45
N GLU D 64 -3.29 -18.06 -24.05
CA GLU D 64 -1.84 -18.00 -24.07
C GLU D 64 -1.24 -18.01 -22.65
N VAL D 65 -1.76 -17.19 -21.77
CA VAL D 65 -1.14 -17.03 -20.47
C VAL D 65 -1.63 -17.97 -19.36
N THR D 66 -2.73 -18.71 -19.56
CA THR D 66 -3.26 -19.65 -18.55
C THR D 66 -3.33 -21.12 -19.02
N LYS D 67 -3.48 -21.33 -20.32
CA LYS D 67 -3.76 -22.67 -20.86
C LYS D 67 -4.99 -23.36 -20.24
N LEU D 68 -5.91 -22.59 -19.66
CA LEU D 68 -7.13 -23.15 -19.07
C LEU D 68 -8.17 -23.36 -20.15
N PRO D 69 -9.12 -24.30 -19.90
CA PRO D 69 -10.29 -24.38 -20.76
C PRO D 69 -11.05 -23.07 -20.74
N ILE D 70 -11.54 -22.64 -21.90
CA ILE D 70 -12.25 -21.39 -22.06
C ILE D 70 -13.67 -21.57 -22.64
N ILE D 71 -14.64 -20.91 -22.01
CA ILE D 71 -15.97 -20.69 -22.62
C ILE D 71 -15.87 -19.32 -23.26
N GLY D 72 -15.86 -19.28 -24.57
CA GLY D 72 -15.82 -18.04 -25.32
C GLY D 72 -17.18 -17.55 -25.78
N ILE D 73 -17.32 -16.23 -25.72
CA ILE D 73 -18.48 -15.51 -26.25
C ILE D 73 -18.00 -14.27 -27.00
N ILE D 74 -18.85 -13.74 -27.85
CA ILE D 74 -18.71 -12.37 -28.34
C ILE D 74 -20.02 -11.62 -28.05
N LYS D 75 -19.91 -10.48 -27.35
CA LYS D 75 -21.07 -9.63 -27.11
C LYS D 75 -21.08 -8.51 -28.16
N ARG D 76 -22.19 -8.42 -28.89
CA ARG D 76 -22.33 -7.48 -30.00
C ARG D 76 -23.81 -7.17 -30.17
N ASN D 77 -24.12 -5.89 -30.23
CA ASN D 77 -25.45 -5.39 -30.44
C ASN D 77 -25.79 -5.36 -31.92
N TYR D 78 -26.98 -5.81 -32.24
CA TYR D 78 -27.51 -5.69 -33.59
C TYR D 78 -28.79 -4.85 -33.51
N ASP D 79 -29.03 -4.04 -34.53
CA ASP D 79 -30.20 -3.15 -34.47
C ASP D 79 -31.53 -3.88 -34.64
N ASP D 80 -31.53 -5.16 -35.03
CA ASP D 80 -32.78 -5.92 -35.27
C ASP D 80 -32.99 -7.07 -34.27
N SER D 81 -32.32 -7.01 -33.14
CA SER D 81 -32.52 -8.03 -32.11
C SER D 81 -32.18 -7.48 -30.75
N GLU D 82 -32.78 -8.08 -29.73
CA GLU D 82 -32.42 -7.80 -28.34
C GLU D 82 -31.26 -8.68 -27.85
N ILE D 83 -30.94 -9.73 -28.62
CA ILE D 83 -29.91 -10.70 -28.26
C ILE D 83 -28.50 -10.11 -28.52
N TYR D 84 -27.60 -10.24 -27.55
CA TYR D 84 -26.22 -9.74 -27.73
C TYR D 84 -25.13 -10.77 -27.44
N ILE D 85 -25.45 -11.84 -26.72
CA ILE D 85 -24.46 -12.88 -26.44
C ILE D 85 -24.35 -13.87 -27.60
N THR D 86 -23.27 -13.73 -28.38
CA THR D 86 -22.99 -14.54 -29.58
C THR D 86 -24.24 -14.68 -30.47
N PRO D 87 -24.67 -13.55 -31.06
CA PRO D 87 -26.03 -13.58 -31.64
C PRO D 87 -26.17 -14.27 -33.00
N THR D 88 -25.11 -14.28 -33.81
CA THR D 88 -25.16 -14.75 -35.18
C THR D 88 -23.97 -15.64 -35.55
N MET D 89 -24.06 -16.23 -36.74
CA MET D 89 -23.01 -17.10 -37.28
C MET D 89 -21.70 -16.33 -37.43
N LYS D 90 -21.79 -15.04 -37.73
CA LYS D 90 -20.60 -14.18 -37.78
C LYS D 90 -19.75 -14.27 -36.49
N GLU D 91 -20.39 -14.18 -35.32
CA GLU D 91 -19.69 -14.31 -34.08
C GLU D 91 -19.21 -15.74 -33.84
N VAL D 92 -20.04 -16.73 -34.17
CA VAL D 92 -19.61 -18.13 -34.04
C VAL D 92 -18.32 -18.38 -34.83
N ASP D 93 -18.26 -17.90 -36.07
CA ASP D 93 -17.07 -18.11 -36.91
C ASP D 93 -15.84 -17.39 -36.36
N GLU D 94 -16.02 -16.16 -35.88
CA GLU D 94 -14.95 -15.44 -35.23
C GLU D 94 -14.41 -16.26 -34.06
N LEU D 95 -15.29 -16.83 -33.26
CA LEU D 95 -14.91 -17.60 -32.10
C LEU D 95 -14.21 -18.92 -32.47
N LEU D 96 -14.63 -19.53 -33.57
CA LEU D 96 -14.05 -20.80 -33.98
C LEU D 96 -12.60 -20.64 -34.47
N LYS D 97 -12.20 -19.43 -34.86
CA LYS D 97 -10.78 -19.16 -35.15
C LYS D 97 -9.89 -19.01 -33.88
N THR D 98 -10.50 -19.00 -32.69
CA THR D 98 -9.74 -19.06 -31.43
C THR D 98 -9.68 -20.54 -31.05
N ASP D 99 -8.91 -20.86 -30.01
CA ASP D 99 -8.87 -22.25 -29.57
C ASP D 99 -9.89 -22.62 -28.48
N CYS D 100 -10.85 -21.74 -28.19
CA CYS D 100 -11.78 -21.95 -27.07
C CYS D 100 -12.58 -23.25 -27.25
N GLU D 101 -12.59 -24.06 -26.20
CA GLU D 101 -13.15 -25.41 -26.27
C GLU D 101 -14.68 -25.43 -26.24
N MET D 102 -15.25 -24.37 -25.66
CA MET D 102 -16.68 -24.21 -25.55
CA MET D 102 -16.69 -24.22 -25.59
C MET D 102 -17.06 -22.80 -25.98
N ILE D 103 -18.19 -22.69 -26.69
CA ILE D 103 -18.76 -21.42 -27.13
C ILE D 103 -20.12 -21.36 -26.45
N ALA D 104 -20.38 -20.24 -25.80
CA ALA D 104 -21.66 -19.99 -25.20
C ALA D 104 -22.39 -19.00 -26.08
N LEU D 105 -23.71 -19.17 -26.14
CA LEU D 105 -24.54 -18.25 -26.88
C LEU D 105 -25.89 -18.12 -26.21
N ASP D 106 -26.47 -16.94 -26.35
CA ASP D 106 -27.86 -16.69 -26.02
C ASP D 106 -28.71 -17.77 -26.68
N ALA D 107 -29.42 -18.53 -25.85
CA ALA D 107 -30.37 -19.55 -26.32
C ALA D 107 -31.79 -19.21 -25.82
N THR D 108 -32.10 -17.92 -25.76
CA THR D 108 -33.46 -17.51 -25.46
C THR D 108 -34.41 -17.75 -26.63
N LYS D 109 -35.70 -17.58 -26.32
CA LYS D 109 -36.72 -17.76 -27.32
C LYS D 109 -36.81 -16.59 -28.30
N ARG D 110 -35.94 -15.58 -28.15
CA ARG D 110 -36.08 -14.34 -28.89
C ARG D 110 -35.54 -14.46 -30.31
N LYS D 111 -36.06 -13.59 -31.18
CA LYS D 111 -35.61 -13.53 -32.55
C LYS D 111 -34.18 -13.02 -32.61
N ARG D 112 -33.38 -13.66 -33.47
CA ARG D 112 -31.97 -13.28 -33.63
C ARG D 112 -31.74 -12.29 -34.77
N PRO D 113 -30.54 -11.69 -34.83
CA PRO D 113 -30.34 -10.81 -35.97
C PRO D 113 -30.40 -11.58 -37.28
N ASN D 114 -30.83 -10.88 -38.33
CA ASN D 114 -30.95 -11.43 -39.69
C ASN D 114 -31.92 -12.60 -39.77
N GLY D 115 -32.74 -12.79 -38.72
CA GLY D 115 -33.63 -13.94 -38.63
C GLY D 115 -32.97 -15.31 -38.49
N GLU D 116 -31.72 -15.35 -38.03
CA GLU D 116 -30.98 -16.59 -37.84
C GLU D 116 -31.57 -17.41 -36.69
N ASN D 117 -31.37 -18.72 -36.73
CA ASN D 117 -31.86 -19.56 -35.65
C ASN D 117 -30.72 -20.24 -34.89
N VAL D 118 -30.99 -20.50 -33.63
CA VAL D 118 -30.03 -21.09 -32.69
C VAL D 118 -29.52 -22.45 -33.14
N LYS D 119 -30.38 -23.28 -33.71
CA LYS D 119 -29.96 -24.62 -34.16
C LYS D 119 -28.77 -24.57 -35.13
N ASP D 120 -28.80 -23.64 -36.08
CA ASP D 120 -27.74 -23.53 -37.08
C ASP D 120 -26.42 -23.18 -36.42
N LEU D 121 -26.49 -22.34 -35.39
CA LEU D 121 -25.29 -21.96 -34.63
C LEU D 121 -24.70 -23.17 -33.87
N VAL D 122 -25.54 -23.91 -33.16
CA VAL D 122 -25.12 -25.14 -32.47
C VAL D 122 -24.49 -26.15 -33.41
N ASP D 123 -25.15 -26.39 -34.54
CA ASP D 123 -24.63 -27.31 -35.55
C ASP D 123 -23.27 -26.89 -36.09
N ALA D 124 -23.07 -25.59 -36.34
CA ALA D 124 -21.77 -25.10 -36.82
C ALA D 124 -20.68 -25.28 -35.76
N ILE D 125 -21.00 -25.03 -34.49
CA ILE D 125 -20.08 -25.27 -33.40
C ILE D 125 -19.70 -26.74 -33.33
N HIS D 126 -20.69 -27.61 -33.39
CA HIS D 126 -20.43 -29.07 -33.39
C HIS D 126 -19.67 -29.58 -34.63
N ALA D 127 -19.90 -28.96 -35.77
CA ALA D 127 -19.19 -29.37 -36.98
C ALA D 127 -17.66 -29.15 -36.90
N LYS D 128 -17.22 -28.27 -36.01
CA LYS D 128 -15.78 -28.08 -35.76
C LYS D 128 -15.31 -28.77 -34.48
N GLY D 129 -16.13 -29.66 -33.93
CA GLY D 129 -15.74 -30.44 -32.77
C GLY D 129 -15.70 -29.68 -31.44
N ARG D 130 -16.35 -28.51 -31.37
CA ARG D 130 -16.42 -27.73 -30.13
C ARG D 130 -17.71 -27.99 -29.36
N LEU D 131 -17.71 -27.58 -28.10
CA LEU D 131 -18.87 -27.71 -27.23
C LEU D 131 -19.71 -26.42 -27.29
N ALA D 132 -21.03 -26.55 -27.12
CA ALA D 132 -21.96 -25.41 -27.12
C ALA D 132 -22.66 -25.30 -25.77
N MET D 133 -22.62 -24.11 -25.18
CA MET D 133 -23.36 -23.79 -23.96
C MET D 133 -24.51 -22.87 -24.26
N ALA D 134 -25.69 -23.22 -23.73
CA ALA D 134 -26.88 -22.40 -23.90
C ALA D 134 -27.06 -21.51 -22.68
N ASP D 135 -26.93 -20.20 -22.90
CA ASP D 135 -27.29 -19.19 -21.89
C ASP D 135 -28.79 -18.98 -22.00
N ILE D 136 -29.52 -19.37 -20.94
CA ILE D 136 -30.97 -19.27 -20.95
C ILE D 136 -31.50 -18.41 -19.82
N SER D 137 -32.80 -18.10 -19.89
CA SER D 137 -33.42 -17.26 -18.85
C SER D 137 -34.60 -17.88 -18.11
N THR D 138 -35.20 -18.91 -18.71
CA THR D 138 -36.37 -19.61 -18.17
C THR D 138 -36.22 -21.15 -18.25
N LEU D 139 -37.04 -21.84 -17.48
CA LEU D 139 -37.06 -23.29 -17.51
C LEU D 139 -37.35 -23.80 -18.91
N GLU D 140 -38.32 -23.18 -19.59
CA GLU D 140 -38.71 -23.60 -20.91
C GLU D 140 -37.58 -23.45 -21.94
N GLU D 141 -36.82 -22.37 -21.85
CA GLU D 141 -35.64 -22.18 -22.72
C GLU D 141 -34.59 -23.23 -22.50
N GLY D 142 -34.40 -23.62 -21.23
CA GLY D 142 -33.46 -24.69 -20.92
C GLY D 142 -33.88 -26.03 -21.46
N ILE D 143 -35.16 -26.36 -21.34
CA ILE D 143 -35.67 -27.61 -21.92
C ILE D 143 -35.50 -27.62 -23.45
N GLU D 144 -35.73 -26.50 -24.14
CA GLU D 144 -35.57 -26.46 -25.59
C GLU D 144 -34.11 -26.59 -25.94
N ALA D 145 -33.24 -25.95 -25.16
CA ALA D 145 -31.79 -26.02 -25.36
C ALA D 145 -31.32 -27.47 -25.39
N GLU D 146 -31.74 -28.27 -24.41
CA GLU D 146 -31.43 -29.69 -24.42
C GLU D 146 -31.91 -30.35 -25.71
N LYS D 147 -33.16 -30.06 -26.10
CA LYS D 147 -33.72 -30.65 -27.32
C LYS D 147 -32.90 -30.26 -28.54
N LEU D 148 -32.33 -29.06 -28.55
CA LEU D 148 -31.54 -28.61 -29.72
C LEU D 148 -30.12 -29.20 -29.75
N GLY D 149 -29.76 -29.98 -28.74
CA GLY D 149 -28.47 -30.66 -28.73
C GLY D 149 -27.33 -29.90 -28.09
N PHE D 150 -27.63 -28.82 -27.34
CA PHE D 150 -26.60 -28.15 -26.56
C PHE D 150 -25.94 -29.16 -25.62
N ASP D 151 -24.65 -28.93 -25.34
CA ASP D 151 -23.87 -29.81 -24.48
C ASP D 151 -24.12 -29.49 -23.02
N CYS D 152 -24.49 -28.24 -22.74
CA CYS D 152 -24.88 -27.84 -21.40
C CYS D 152 -25.71 -26.57 -21.47
N VAL D 153 -26.29 -26.23 -20.31
CA VAL D 153 -27.19 -25.07 -20.21
C VAL D 153 -26.67 -24.25 -19.03
N SER D 154 -26.82 -22.95 -19.10
CA SER D 154 -26.41 -22.06 -18.03
C SER D 154 -27.51 -21.04 -17.74
N THR D 155 -27.65 -20.63 -16.47
CA THR D 155 -28.76 -19.77 -16.06
C THR D 155 -28.42 -18.28 -16.23
N THR D 156 -27.40 -18.02 -17.05
CA THR D 156 -26.79 -16.73 -17.28
C THR D 156 -27.76 -15.58 -17.46
N LEU D 157 -28.81 -15.80 -18.23
CA LEU D 157 -29.72 -14.72 -18.64
C LEU D 157 -30.98 -14.56 -17.77
N SER D 158 -31.13 -15.38 -16.74
CA SER D 158 -32.28 -15.25 -15.86
C SER D 158 -32.17 -13.89 -15.17
N GLY D 159 -33.23 -13.10 -15.34
CA GLY D 159 -33.31 -11.74 -14.84
C GLY D 159 -32.77 -10.69 -15.81
N TYR D 160 -32.31 -11.14 -17.00
CA TYR D 160 -31.78 -10.24 -18.03
C TYR D 160 -32.61 -10.30 -19.32
N THR D 161 -33.77 -10.95 -19.24
CA THR D 161 -34.82 -10.88 -20.25
C THR D 161 -36.09 -10.45 -19.53
N PRO D 162 -37.01 -9.74 -20.23
CA PRO D 162 -38.18 -9.16 -19.54
C PRO D 162 -39.24 -10.16 -19.05
N TYR D 163 -39.25 -11.37 -19.58
CA TYR D 163 -40.24 -12.38 -19.25
C TYR D 163 -39.70 -13.40 -18.23
N SER D 164 -38.45 -13.23 -17.81
CA SER D 164 -37.85 -14.10 -16.79
C SER D 164 -38.01 -13.45 -15.43
N LYS D 165 -37.67 -14.20 -14.38
CA LYS D 165 -37.76 -13.70 -13.00
C LYS D 165 -36.84 -12.50 -12.81
N GLN D 166 -37.40 -11.38 -12.34
CA GLN D 166 -36.61 -10.20 -12.06
C GLN D 166 -36.08 -10.30 -10.62
N SER D 167 -34.77 -10.23 -10.46
CA SER D 167 -34.14 -10.40 -9.15
C SER D 167 -32.78 -9.78 -9.13
N ASN D 168 -32.35 -9.38 -7.94
CA ASN D 168 -30.98 -8.89 -7.78
C ASN D 168 -30.07 -9.95 -7.13
N SER D 169 -30.58 -11.18 -6.97
CA SER D 169 -29.78 -12.26 -6.39
C SER D 169 -29.88 -13.51 -7.24
N VAL D 170 -29.10 -14.54 -6.90
CA VAL D 170 -29.04 -15.76 -7.71
C VAL D 170 -30.44 -16.34 -7.87
N ASP D 171 -30.77 -16.78 -9.08
CA ASP D 171 -32.01 -17.46 -9.29
C ASP D 171 -31.84 -18.95 -8.95
N PHE D 172 -32.00 -19.31 -7.69
CA PHE D 172 -31.86 -20.71 -7.29
C PHE D 172 -33.09 -21.52 -7.72
N GLU D 173 -34.25 -20.87 -7.84
CA GLU D 173 -35.50 -21.54 -8.23
C GLU D 173 -35.37 -22.17 -9.61
N LEU D 174 -34.86 -21.39 -10.55
CA LEU D 174 -34.65 -21.86 -11.92
C LEU D 174 -33.61 -22.99 -11.98
N LEU D 175 -32.53 -22.84 -11.21
CA LEU D 175 -31.52 -23.90 -11.10
C LEU D 175 -32.15 -25.22 -10.65
N GLU D 176 -32.91 -25.18 -9.56
CA GLU D 176 -33.56 -26.39 -9.02
C GLU D 176 -34.50 -27.05 -10.04
N GLU D 177 -35.35 -26.25 -10.69
CA GLU D 177 -36.30 -26.77 -11.68
C GLU D 177 -35.58 -27.39 -12.86
N LEU D 178 -34.49 -26.77 -13.31
CA LEU D 178 -33.73 -27.29 -14.45
C LEU D 178 -33.04 -28.62 -14.14
N VAL D 179 -32.38 -28.67 -12.98
CA VAL D 179 -31.71 -29.90 -12.57
C VAL D 179 -32.69 -31.09 -12.56
N LYS D 180 -33.93 -30.90 -12.09
CA LYS D 180 -34.87 -32.01 -12.00
C LYS D 180 -35.56 -32.39 -13.33
N THR D 181 -35.32 -31.61 -14.39
CA THR D 181 -35.99 -31.74 -15.68
C THR D 181 -35.05 -32.07 -16.85
N VAL D 182 -33.86 -31.48 -16.92
CA VAL D 182 -32.95 -31.77 -18.06
C VAL D 182 -31.81 -32.71 -17.59
N LYS D 183 -31.31 -33.51 -18.53
CA LYS D 183 -30.30 -34.54 -18.23
C LYS D 183 -28.88 -34.02 -18.44
N ILE D 184 -28.71 -33.06 -19.35
CA ILE D 184 -27.42 -32.46 -19.59
C ILE D 184 -26.98 -31.55 -18.44
N PRO D 185 -25.67 -31.27 -18.34
CA PRO D 185 -25.20 -30.40 -17.28
C PRO D 185 -25.88 -29.04 -17.25
N VAL D 186 -26.31 -28.65 -16.05
CA VAL D 186 -26.85 -27.35 -15.73
C VAL D 186 -25.86 -26.53 -14.91
N ILE D 187 -25.46 -25.39 -15.47
CA ILE D 187 -24.46 -24.53 -14.85
C ILE D 187 -25.14 -23.29 -14.27
N CYS D 188 -24.90 -23.04 -12.99
CA CYS D 188 -25.45 -21.85 -12.36
C CYS D 188 -24.55 -20.62 -12.65
N GLU D 189 -25.15 -19.61 -13.28
CA GLU D 189 -24.45 -18.38 -13.62
C GLU D 189 -25.41 -17.21 -13.50
N GLY D 190 -25.01 -16.20 -12.72
CA GLY D 190 -25.81 -14.98 -12.60
C GLY D 190 -25.90 -14.51 -11.16
N ARG D 191 -25.15 -13.47 -10.85
CA ARG D 191 -25.27 -12.79 -9.56
C ARG D 191 -24.81 -13.62 -8.36
N ILE D 192 -23.92 -14.59 -8.58
CA ILE D 192 -23.28 -15.26 -7.45
C ILE D 192 -22.28 -14.30 -6.82
N ASN D 193 -22.58 -13.85 -5.60
CA ASN D 193 -21.74 -12.88 -4.88
C ASN D 193 -20.88 -13.42 -3.74
N THR D 194 -21.32 -14.54 -3.16
CA THR D 194 -20.68 -15.06 -1.95
C THR D 194 -20.34 -16.53 -2.05
N PRO D 195 -19.30 -16.95 -1.29
CA PRO D 195 -18.99 -18.39 -1.29
C PRO D 195 -20.19 -19.20 -0.84
N GLU D 196 -20.98 -18.70 0.11
CA GLU D 196 -22.13 -19.46 0.58
C GLU D 196 -23.16 -19.69 -0.54
N GLU D 197 -23.32 -18.71 -1.43
CA GLU D 197 -24.23 -18.87 -2.59
C GLU D 197 -23.68 -19.87 -3.59
N LEU D 198 -22.37 -19.89 -3.79
CA LEU D 198 -21.74 -20.86 -4.71
C LEU D 198 -21.99 -22.27 -4.18
N LYS D 199 -21.75 -22.45 -2.89
CA LYS D 199 -21.93 -23.75 -2.25
C LYS D 199 -23.39 -24.22 -2.37
N LYS D 200 -24.32 -23.30 -2.13
CA LYS D 200 -25.73 -23.61 -2.28
C LYS D 200 -26.10 -24.03 -3.71
N ALA D 201 -25.53 -23.36 -4.73
CA ALA D 201 -25.80 -23.74 -6.13
C ALA D 201 -25.35 -25.16 -6.36
N LEU D 202 -24.13 -25.50 -5.94
CA LEU D 202 -23.68 -26.89 -6.08
CA LEU D 202 -23.68 -26.89 -6.07
C LEU D 202 -24.55 -27.88 -5.27
N ASP D 203 -24.94 -27.49 -4.06
CA ASP D 203 -25.72 -28.36 -3.20
C ASP D 203 -27.12 -28.63 -3.76
N LEU D 204 -27.63 -27.68 -4.56
CA LEU D 204 -28.90 -27.82 -5.27
C LEU D 204 -28.80 -28.54 -6.62
N GLY D 205 -27.59 -29.01 -6.97
CA GLY D 205 -27.41 -29.89 -8.12
C GLY D 205 -26.79 -29.27 -9.35
N ALA D 206 -26.34 -28.02 -9.22
CA ALA D 206 -25.59 -27.38 -10.28
C ALA D 206 -24.39 -28.26 -10.60
N TYR D 207 -24.19 -28.55 -11.89
CA TYR D 207 -23.05 -29.36 -12.33
C TYR D 207 -21.75 -28.61 -12.05
N SER D 208 -21.78 -27.32 -12.34
CA SER D 208 -20.68 -26.38 -12.08
C SER D 208 -21.31 -25.01 -11.96
N ALA D 209 -20.52 -23.98 -11.71
CA ALA D 209 -21.09 -22.64 -11.59
C ALA D 209 -20.08 -21.64 -12.06
N VAL D 210 -20.58 -20.48 -12.44
CA VAL D 210 -19.73 -19.40 -12.97
C VAL D 210 -19.83 -18.19 -12.03
N VAL D 211 -18.69 -17.70 -11.58
CA VAL D 211 -18.63 -16.43 -10.84
C VAL D 211 -17.85 -15.43 -11.70
N GLY D 212 -18.43 -14.25 -11.90
CA GLY D 212 -17.82 -13.22 -12.71
C GLY D 212 -17.48 -11.99 -11.90
N GLY D 213 -18.34 -10.97 -11.97
CA GLY D 213 -18.06 -9.67 -11.32
C GLY D 213 -17.65 -9.70 -9.86
N ALA D 214 -18.17 -10.67 -9.09
CA ALA D 214 -17.79 -10.78 -7.68
C ALA D 214 -16.31 -11.13 -7.49
N ILE D 215 -15.63 -11.54 -8.57
CA ILE D 215 -14.17 -11.75 -8.56
C ILE D 215 -13.46 -10.71 -9.44
N THR D 216 -14.02 -10.42 -10.62
CA THR D 216 -13.25 -9.71 -11.66
C THR D 216 -13.77 -8.29 -12.01
N ARG D 217 -14.77 -7.79 -11.30
CA ARG D 217 -15.23 -6.41 -11.48
C ARG D 217 -15.05 -5.64 -10.14
N PRO D 218 -13.84 -5.13 -9.88
CA PRO D 218 -13.63 -4.43 -8.62
C PRO D 218 -14.59 -3.27 -8.39
N GLN D 219 -15.13 -2.63 -9.45
CA GLN D 219 -16.08 -1.55 -9.23
C GLN D 219 -17.33 -2.09 -8.57
N GLN D 220 -17.82 -3.21 -9.07
CA GLN D 220 -19.03 -3.84 -8.53
C GLN D 220 -18.80 -4.32 -7.11
N ILE D 221 -17.62 -4.90 -6.84
CA ILE D 221 -17.30 -5.39 -5.51
C ILE D 221 -17.26 -4.21 -4.55
N THR D 222 -16.58 -3.14 -4.96
CA THR D 222 -16.45 -1.94 -4.16
C THR D 222 -17.85 -1.35 -3.82
N LYS D 223 -18.71 -1.27 -4.84
CA LYS D 223 -20.05 -0.74 -4.66
C LYS D 223 -20.84 -1.56 -3.64
N ARG D 224 -20.70 -2.88 -3.62
CA ARG D 224 -21.40 -3.67 -2.59
CA ARG D 224 -21.35 -3.72 -2.57
C ARG D 224 -20.91 -3.29 -1.17
N PHE D 225 -19.61 -3.01 -1.00
CA PHE D 225 -19.11 -2.47 0.25
C PHE D 225 -19.65 -1.08 0.57
N THR D 226 -19.54 -0.13 -0.38
CA THR D 226 -19.95 1.23 -0.10
C THR D 226 -21.46 1.33 0.12
N ASP D 227 -22.23 0.50 -0.58
CA ASP D 227 -23.70 0.50 -0.45
C ASP D 227 -24.15 0.27 0.99
N ILE D 228 -23.35 -0.49 1.76
CA ILE D 228 -23.72 -0.77 3.16
C ILE D 228 -23.47 0.40 4.14
N LEU D 229 -22.71 1.43 3.74
CA LEU D 229 -22.34 2.56 4.62
C LEU D 229 -23.42 3.66 4.61
#